data_9I1H
#
_entry.id   9I1H
#
_cell.length_a   95.168
_cell.length_b   233.606
_cell.length_c   54.327
_cell.angle_alpha   90.00
_cell.angle_beta   90.00
_cell.angle_gamma   90.00
#
_symmetry.space_group_name_H-M   'P 21 21 2'
#
loop_
_entity.id
_entity.type
_entity.pdbx_description
1 polymer "5'-nucleotidase"
2 non-polymer 'ZINC ION'
3 non-polymer '[[(2~{R},3~{S},4~{R},5~{R})-5-[2-chloranyl-6-[(phenylmethyl)-propyl-amino]purin-9-yl]-3,4-bis(oxidanyl)oxolan-2-yl]methoxy-oxidanyl-phosphoryl]methylphosphonic acid'
4 water water
#
_entity_poly.entity_id   1
_entity_poly.type   'polypeptide(L)'
_entity_poly.pdbx_seq_one_letter_code
;MCPRAARAPATLLLALGAVLWPAAGAWELTILHTNDVHSRLEQTSEDSSKCVDASRCMGGVARLFTKVQQIRRAEPNVLL
LDAGDQYQGTIWFTVYKGAEVAHFMNALRYDAMALGNHEFDNGVEGLIEPLLKEAKFPILSANIKAKGPLASQISGLYLP
YKVLPVGDEVVGIVGYTSKETPFLSNPGTNLVFEDEITALQPEVDKLKTLNVNKIIALGHSGFEMDKLIAQKVRGVDVVV
GGHSNTFLYTGNPPSKEVPAGKYPFIVTSDDGRKVPVVQAYAFGKYLGYLKIEFDERGNVISSHGNPILLDSSIPEDPSI
KADINKWRIKLDDYSTQELGKTIVYLDGSSQSCRFRECNMGNLICDAMINNNLRHTDEMFWNHVSMCILNGGGIRSPIDE
RNDGTITWENLAAVLPFGGTFDLVQLKGSTLKKAFEHSVHRYGQSTGEFLQVGGIHVVYDLSRKPGDRVVKLDVLCTKCR
VPSYDPLKMDEVYKVILPNFLANGGDGFQMIKDELLRHDSGDQDINVVSTYISKMKVIYPAVEGRIKFSGGGGAGGGGGT
KHHHHHH
;
_entity_poly.pdbx_strand_id   A,B
#
# COMPACT_ATOMS: atom_id res chain seq x y z
N ALA A 26 -43.20 -25.73 42.78
CA ALA A 26 -42.27 -24.93 41.99
C ALA A 26 -41.83 -25.69 40.74
N TRP A 27 -42.47 -25.40 39.60
CA TRP A 27 -42.09 -26.04 38.34
C TRP A 27 -41.00 -25.22 37.66
N GLU A 28 -39.81 -25.78 37.60
CA GLU A 28 -38.67 -25.12 37.00
C GLU A 28 -38.39 -25.73 35.63
N LEU A 29 -38.09 -24.87 34.68
CA LEU A 29 -37.69 -25.28 33.33
C LEU A 29 -36.30 -24.71 33.07
N THR A 30 -35.45 -25.52 32.44
CA THR A 30 -34.10 -25.10 32.08
C THR A 30 -34.00 -25.10 30.56
N ILE A 31 -33.88 -23.92 29.97
CA ILE A 31 -33.75 -23.77 28.52
C ILE A 31 -32.28 -23.62 28.18
N LEU A 32 -31.79 -24.51 27.33
CA LEU A 32 -30.46 -24.42 26.74
C LEU A 32 -30.61 -24.01 25.28
N HIS A 33 -29.84 -23.01 24.85
CA HIS A 33 -30.01 -22.50 23.50
C HIS A 33 -28.69 -22.05 22.89
N THR A 34 -28.43 -22.52 21.67
CA THR A 34 -27.39 -22.01 20.79
C THR A 34 -28.04 -21.20 19.67
N ASN A 35 -27.22 -20.44 18.96
CA ASN A 35 -27.69 -19.73 17.78
C ASN A 35 -26.49 -19.30 16.94
N ASP A 36 -26.72 -19.21 15.64
CA ASP A 36 -25.71 -18.75 14.69
C ASP A 36 -24.42 -19.55 14.86
N VAL A 37 -24.57 -20.87 14.97
CA VAL A 37 -23.40 -21.73 15.14
C VAL A 37 -22.53 -21.70 13.90
N HIS A 38 -23.14 -21.64 12.71
CA HIS A 38 -22.44 -21.41 11.45
C HIS A 38 -21.33 -22.45 11.22
N SER A 39 -21.70 -23.71 11.30
CA SER A 39 -20.91 -24.84 10.83
C SER A 39 -19.60 -25.03 11.58
N ARG A 40 -19.48 -24.50 12.79
CA ARG A 40 -18.29 -24.74 13.61
C ARG A 40 -18.51 -26.01 14.43
N LEU A 41 -18.60 -27.13 13.71
CA LEU A 41 -18.74 -28.43 14.34
C LEU A 41 -17.52 -28.76 15.18
N GLU A 42 -16.32 -28.54 14.63
CA GLU A 42 -15.09 -28.73 15.37
C GLU A 42 -14.89 -27.58 16.35
N GLN A 43 -14.08 -27.81 17.37
CA GLN A 43 -13.72 -26.73 18.28
C GLN A 43 -12.93 -25.67 17.54
N THR A 44 -13.01 -24.44 18.03
CA THR A 44 -12.46 -23.29 17.35
C THR A 44 -11.56 -22.49 18.28
N SER A 45 -10.82 -21.55 17.69
CA SER A 45 -10.10 -20.58 18.48
C SER A 45 -11.08 -19.60 19.13
N GLU A 46 -10.59 -18.80 20.07
CA GLU A 46 -11.49 -17.86 20.73
C GLU A 46 -12.04 -16.83 19.75
N ASP A 47 -11.38 -16.62 18.61
CA ASP A 47 -11.92 -15.79 17.54
C ASP A 47 -12.78 -16.58 16.57
N SER A 48 -13.11 -17.83 16.89
CA SER A 48 -13.97 -18.71 16.12
C SER A 48 -13.34 -19.18 14.81
N SER A 49 -12.07 -18.88 14.58
CA SER A 49 -11.37 -19.43 13.43
C SER A 49 -10.89 -20.84 13.74
N LYS A 50 -10.17 -21.44 12.79
CA LYS A 50 -9.75 -22.82 12.92
C LYS A 50 -8.86 -23.02 14.14
N CYS A 51 -9.13 -24.09 14.89
CA CYS A 51 -8.40 -24.40 16.11
C CYS A 51 -6.93 -24.68 15.84
N VAL A 52 -6.05 -23.79 16.28
CA VAL A 52 -4.60 -23.95 16.13
C VAL A 52 -4.05 -24.70 17.33
N ASP A 53 -4.15 -24.09 18.51
CA ASP A 53 -3.57 -24.61 19.74
C ASP A 53 -4.69 -25.22 20.56
N ALA A 54 -4.78 -26.56 20.53
CA ALA A 54 -5.94 -27.24 21.08
C ALA A 54 -6.12 -26.99 22.57
N SER A 55 -5.06 -26.61 23.28
CA SER A 55 -5.17 -26.38 24.72
C SER A 55 -5.93 -25.10 25.04
N ARG A 56 -6.26 -24.28 24.05
CA ARG A 56 -7.00 -23.04 24.26
C ARG A 56 -8.25 -22.94 23.40
N CYS A 57 -8.61 -24.01 22.68
CA CYS A 57 -9.73 -23.93 21.76
C CYS A 57 -11.05 -24.06 22.50
N MET A 58 -12.13 -23.75 21.80
CA MET A 58 -13.43 -23.55 22.41
C MET A 58 -14.51 -24.10 21.47
N GLY A 59 -15.70 -24.30 22.04
CA GLY A 59 -16.85 -24.70 21.24
C GLY A 59 -16.76 -26.14 20.76
N GLY A 60 -17.33 -26.38 19.60
CA GLY A 60 -17.48 -27.73 19.08
C GLY A 60 -18.74 -28.41 19.59
N VAL A 61 -19.23 -29.36 18.81
CA VAL A 61 -20.42 -30.10 19.21
C VAL A 61 -20.10 -31.20 20.22
N ALA A 62 -18.86 -31.68 20.27
CA ALA A 62 -18.50 -32.70 21.23
C ALA A 62 -18.40 -32.10 22.63
N ARG A 63 -17.89 -30.88 22.74
CA ARG A 63 -17.84 -30.20 24.02
C ARG A 63 -19.23 -29.71 24.43
N LEU A 64 -20.06 -29.34 23.47
CA LEU A 64 -21.44 -28.98 23.78
C LEU A 64 -22.21 -30.16 24.34
N PHE A 65 -22.04 -31.34 23.72
CA PHE A 65 -22.66 -32.57 24.24
C PHE A 65 -22.31 -32.77 25.71
N THR A 66 -21.01 -32.81 26.03
CA THR A 66 -20.56 -32.97 27.40
C THR A 66 -21.29 -32.02 28.35
N LYS A 67 -21.31 -30.74 28.02
CA LYS A 67 -21.93 -29.76 28.91
C LYS A 67 -23.44 -29.95 28.98
N VAL A 68 -24.08 -30.25 27.85
CA VAL A 68 -25.52 -30.51 27.88
C VAL A 68 -25.83 -31.69 28.78
N GLN A 69 -25.05 -32.76 28.66
CA GLN A 69 -25.27 -33.92 29.52
C GLN A 69 -25.18 -33.53 30.99
N GLN A 70 -24.12 -32.81 31.36
CA GLN A 70 -23.94 -32.38 32.75
C GLN A 70 -25.21 -31.75 33.31
N ILE A 71 -25.97 -31.05 32.48
CA ILE A 71 -27.18 -30.36 32.95
C ILE A 71 -28.39 -31.27 32.94
N ARG A 72 -28.51 -32.14 31.92
CA ARG A 72 -29.64 -33.06 31.88
C ARG A 72 -29.63 -34.04 33.04
N ARG A 73 -28.47 -34.23 33.68
CA ARG A 73 -28.40 -35.07 34.87
C ARG A 73 -28.86 -34.31 36.10
N ALA A 74 -28.49 -33.04 36.22
CA ALA A 74 -28.84 -32.26 37.40
C ALA A 74 -30.29 -31.82 37.36
N GLU A 75 -30.79 -31.44 36.19
CA GLU A 75 -32.12 -30.87 36.06
C GLU A 75 -33.04 -31.86 35.37
N PRO A 76 -34.26 -32.07 35.88
CA PRO A 76 -35.18 -33.01 35.23
C PRO A 76 -35.87 -32.41 34.02
N ASN A 77 -36.17 -31.10 34.05
CA ASN A 77 -36.90 -30.43 32.98
C ASN A 77 -35.94 -29.55 32.20
N VAL A 78 -35.49 -30.06 31.06
CA VAL A 78 -34.49 -29.39 30.24
C VAL A 78 -34.94 -29.44 28.78
N LEU A 79 -34.87 -28.30 28.10
CA LEU A 79 -35.12 -28.19 26.67
C LEU A 79 -33.89 -27.62 25.99
N LEU A 80 -33.50 -28.21 24.87
CA LEU A 80 -32.35 -27.77 24.09
C LEU A 80 -32.85 -27.27 22.74
N LEU A 81 -32.59 -25.99 22.45
CA LEU A 81 -33.15 -25.32 21.28
C LEU A 81 -32.04 -24.65 20.48
N ASP A 82 -32.24 -24.57 19.17
CA ASP A 82 -31.37 -23.81 18.28
C ASP A 82 -32.22 -22.79 17.54
N ALA A 83 -31.76 -21.54 17.52
CA ALA A 83 -32.55 -20.45 16.97
C ALA A 83 -32.11 -20.06 15.56
N GLY A 84 -31.51 -20.98 14.82
CA GLY A 84 -31.25 -20.79 13.41
C GLY A 84 -29.78 -20.54 13.10
N ASP A 85 -29.47 -20.62 11.80
CA ASP A 85 -28.16 -20.30 11.23
C ASP A 85 -27.10 -21.33 11.63
N GLN A 86 -27.41 -22.61 11.41
CA GLN A 86 -26.39 -23.65 11.43
C GLN A 86 -25.66 -23.75 10.09
N TYR A 87 -26.34 -23.39 9.01
CA TYR A 87 -25.75 -23.46 7.67
C TYR A 87 -24.69 -22.39 7.48
N GLN A 88 -23.65 -22.74 6.71
CA GLN A 88 -22.68 -21.79 6.18
C GLN A 88 -21.71 -21.25 7.23
N GLY A 89 -20.42 -21.27 6.93
CA GLY A 89 -19.43 -20.67 7.79
C GLY A 89 -18.05 -21.29 7.70
N THR A 90 -17.99 -22.59 7.47
CA THR A 90 -16.71 -23.29 7.39
C THR A 90 -16.82 -24.39 6.35
N ILE A 91 -15.69 -25.06 6.10
CA ILE A 91 -15.62 -26.10 5.08
C ILE A 91 -16.55 -27.27 5.42
N TRP A 92 -16.97 -27.40 6.67
CA TRP A 92 -17.90 -28.47 7.04
C TRP A 92 -19.18 -28.39 6.23
N PHE A 93 -19.67 -27.18 5.95
CA PHE A 93 -20.91 -27.04 5.21
C PHE A 93 -20.71 -27.10 3.70
N THR A 94 -19.56 -26.60 3.22
CA THR A 94 -19.31 -26.63 1.78
C THR A 94 -19.37 -28.07 1.25
N VAL A 95 -18.92 -29.03 2.05
CA VAL A 95 -18.80 -30.42 1.61
C VAL A 95 -20.11 -31.18 1.87
N TYR A 96 -20.53 -31.24 3.13
CA TYR A 96 -21.69 -32.04 3.49
C TYR A 96 -23.00 -31.31 3.26
N LYS A 97 -22.96 -29.99 3.10
CA LYS A 97 -24.10 -29.21 2.60
C LYS A 97 -25.34 -29.38 3.48
N GLY A 98 -25.13 -29.58 4.78
CA GLY A 98 -26.26 -29.67 5.70
C GLY A 98 -26.34 -31.00 6.42
N ALA A 99 -26.08 -32.09 5.70
CA ALA A 99 -26.15 -33.42 6.30
C ALA A 99 -25.33 -33.49 7.59
N GLU A 100 -24.21 -32.77 7.66
CA GLU A 100 -23.43 -32.74 8.89
C GLU A 100 -24.22 -32.06 10.01
N VAL A 101 -25.06 -31.09 9.66
CA VAL A 101 -25.84 -30.39 10.66
C VAL A 101 -26.92 -31.30 11.24
N ALA A 102 -27.67 -31.98 10.36
CA ALA A 102 -28.70 -32.90 10.83
C ALA A 102 -28.10 -34.01 11.69
N HIS A 103 -26.96 -34.58 11.27
CA HIS A 103 -26.39 -35.71 11.99
C HIS A 103 -26.06 -35.34 13.41
N PHE A 104 -25.29 -34.27 13.61
CA PHE A 104 -24.78 -33.94 14.93
C PHE A 104 -25.78 -33.17 15.78
N MET A 105 -26.84 -32.62 15.20
CA MET A 105 -27.95 -32.16 16.02
C MET A 105 -28.81 -33.32 16.49
N ASN A 106 -28.92 -34.38 15.68
CA ASN A 106 -29.55 -35.60 16.17
C ASN A 106 -28.69 -36.24 17.26
N ALA A 107 -27.37 -36.21 17.10
CA ALA A 107 -26.49 -36.79 18.10
C ALA A 107 -26.53 -36.01 19.40
N LEU A 108 -26.73 -34.70 19.31
CA LEU A 108 -26.94 -33.85 20.48
C LEU A 108 -28.37 -33.88 20.98
N ARG A 109 -29.28 -34.52 20.25
CA ARG A 109 -30.66 -34.69 20.68
C ARG A 109 -31.32 -33.35 20.99
N TYR A 110 -31.26 -32.44 20.02
CA TYR A 110 -31.99 -31.18 20.11
C TYR A 110 -33.49 -31.45 20.19
N ASP A 111 -34.19 -30.56 20.90
CA ASP A 111 -35.63 -30.71 21.07
C ASP A 111 -36.43 -29.89 20.06
N ALA A 112 -35.83 -28.90 19.42
CA ALA A 112 -36.50 -28.11 18.40
C ALA A 112 -35.50 -27.11 17.82
N MET A 113 -35.82 -26.61 16.62
CA MET A 113 -34.98 -25.64 15.94
C MET A 113 -35.85 -24.70 15.12
N ALA A 114 -35.62 -23.40 15.30
CA ALA A 114 -36.20 -22.40 14.40
C ALA A 114 -35.32 -22.25 13.16
N LEU A 115 -35.95 -21.89 12.04
CA LEU A 115 -35.24 -21.70 10.78
C LEU A 115 -34.69 -20.29 10.66
N GLY A 116 -33.41 -20.19 10.26
CA GLY A 116 -32.80 -18.91 9.97
C GLY A 116 -32.68 -18.67 8.47
N ASN A 117 -32.25 -17.45 8.12
CA ASN A 117 -32.19 -17.06 6.71
C ASN A 117 -31.16 -17.89 5.95
N HIS A 118 -29.97 -18.07 6.52
CA HIS A 118 -28.93 -18.83 5.83
C HIS A 118 -29.30 -20.28 5.60
N GLU A 119 -30.34 -20.80 6.28
CA GLU A 119 -30.83 -22.14 5.98
C GLU A 119 -31.41 -22.23 4.56
N PHE A 120 -31.70 -21.09 3.93
CA PHE A 120 -32.17 -21.05 2.55
C PHE A 120 -31.06 -20.65 1.58
N ASP A 121 -29.80 -20.66 2.02
CA ASP A 121 -28.71 -20.23 1.15
C ASP A 121 -28.63 -21.09 -0.10
N ASN A 122 -28.96 -22.37 0.00
CA ASN A 122 -28.97 -23.29 -1.14
C ASN A 122 -30.39 -23.56 -1.64
N GLY A 123 -31.31 -22.62 -1.47
CA GLY A 123 -32.68 -22.80 -1.92
C GLY A 123 -33.43 -23.83 -1.07
N VAL A 124 -34.71 -23.98 -1.42
CA VAL A 124 -35.56 -24.93 -0.70
C VAL A 124 -34.96 -26.34 -0.81
N GLU A 125 -34.52 -26.73 -2.01
CA GLU A 125 -33.97 -28.06 -2.19
C GLU A 125 -32.73 -28.26 -1.32
N GLY A 126 -31.96 -27.19 -1.07
CA GLY A 126 -30.84 -27.27 -0.16
C GLY A 126 -31.21 -27.44 1.30
N LEU A 127 -32.50 -27.32 1.62
CA LEU A 127 -32.98 -27.49 2.99
C LEU A 127 -33.76 -28.77 3.23
N ILE A 128 -34.52 -29.25 2.24
CA ILE A 128 -35.38 -30.42 2.46
C ILE A 128 -34.55 -31.69 2.57
N GLU A 129 -33.78 -32.01 1.52
CA GLU A 129 -33.10 -33.31 1.50
C GLU A 129 -32.01 -33.39 2.56
N PRO A 130 -31.13 -32.39 2.73
CA PRO A 130 -30.10 -32.52 3.77
C PRO A 130 -30.68 -32.47 5.17
N LEU A 131 -31.45 -31.42 5.47
CA LEU A 131 -31.87 -31.15 6.84
C LEU A 131 -33.27 -31.65 7.16
N LEU A 132 -34.30 -31.12 6.51
CA LEU A 132 -35.67 -31.39 6.95
C LEU A 132 -35.98 -32.88 6.92
N LYS A 133 -35.61 -33.57 5.83
CA LYS A 133 -35.91 -34.98 5.70
C LYS A 133 -35.12 -35.86 6.67
N GLU A 134 -34.06 -35.34 7.30
CA GLU A 134 -33.19 -36.15 8.14
C GLU A 134 -33.25 -35.80 9.62
N ALA A 135 -33.89 -34.68 9.99
CA ALA A 135 -33.95 -34.29 11.39
C ALA A 135 -34.93 -35.18 12.17
N LYS A 136 -34.52 -35.56 13.37
CA LYS A 136 -35.37 -36.29 14.30
C LYS A 136 -35.95 -35.40 15.39
N PHE A 137 -35.89 -34.09 15.19
CA PHE A 137 -36.48 -33.08 16.06
C PHE A 137 -37.32 -32.13 15.21
N PRO A 138 -38.28 -31.45 15.82
CA PRO A 138 -39.15 -30.54 15.05
C PRO A 138 -38.43 -29.26 14.64
N ILE A 139 -38.61 -28.87 13.37
CA ILE A 139 -38.07 -27.62 12.81
C ILE A 139 -39.22 -26.66 12.59
N LEU A 140 -39.12 -25.47 13.17
CA LEU A 140 -40.26 -24.59 13.38
C LEU A 140 -40.11 -23.27 12.64
N SER A 141 -41.24 -22.78 12.10
CA SER A 141 -41.33 -21.47 11.49
C SER A 141 -42.79 -21.14 11.19
N ALA A 142 -43.38 -20.20 11.92
CA ALA A 142 -44.81 -19.93 11.81
C ALA A 142 -45.14 -18.83 10.81
N ASN A 143 -44.15 -18.04 10.36
CA ASN A 143 -44.40 -16.94 9.44
C ASN A 143 -43.94 -17.26 8.02
N ILE A 144 -43.64 -18.52 7.72
CA ILE A 144 -43.34 -18.98 6.37
C ILE A 144 -44.48 -19.87 5.91
N LYS A 145 -45.05 -19.56 4.75
CA LYS A 145 -46.12 -20.35 4.17
C LYS A 145 -45.80 -20.64 2.72
N ALA A 146 -45.80 -21.93 2.36
CA ALA A 146 -45.49 -22.36 1.00
C ALA A 146 -46.75 -22.31 0.13
N LYS A 147 -46.53 -22.18 -1.17
CA LYS A 147 -47.63 -22.06 -2.12
C LYS A 147 -47.25 -22.77 -3.42
N GLY A 148 -48.28 -23.15 -4.17
CA GLY A 148 -48.09 -23.73 -5.48
C GLY A 148 -47.53 -25.14 -5.42
N PRO A 149 -46.51 -25.42 -6.24
CA PRO A 149 -45.97 -26.79 -6.29
C PRO A 149 -45.28 -27.22 -5.00
N LEU A 150 -44.92 -26.27 -4.13
CA LEU A 150 -44.16 -26.61 -2.92
C LEU A 150 -45.03 -27.08 -1.77
N ALA A 151 -46.32 -26.72 -1.77
CA ALA A 151 -47.13 -26.91 -0.56
C ALA A 151 -47.34 -28.39 -0.24
N SER A 152 -47.32 -29.26 -1.24
CA SER A 152 -47.36 -30.70 -0.99
C SER A 152 -45.97 -31.29 -0.77
N GLN A 153 -44.94 -30.69 -1.37
CA GLN A 153 -43.58 -31.18 -1.23
C GLN A 153 -42.96 -30.84 0.13
N ILE A 154 -43.48 -29.85 0.82
CA ILE A 154 -42.90 -29.37 2.07
C ILE A 154 -43.84 -29.53 3.26
N SER A 155 -45.09 -29.93 3.03
CA SER A 155 -46.06 -30.01 4.12
C SER A 155 -45.66 -31.11 5.10
N GLY A 156 -45.51 -30.73 6.37
CA GLY A 156 -45.15 -31.67 7.41
C GLY A 156 -43.67 -31.74 7.72
N LEU A 157 -42.83 -31.16 6.86
CA LEU A 157 -41.39 -31.11 7.10
C LEU A 157 -40.99 -29.92 7.96
N TYR A 158 -41.89 -28.96 8.17
CA TYR A 158 -41.67 -27.87 9.10
C TYR A 158 -43.02 -27.44 9.64
N LEU A 159 -43.05 -27.06 10.92
CA LEU A 159 -44.28 -26.76 11.61
C LEU A 159 -44.27 -25.33 12.13
N PRO A 160 -45.44 -24.70 12.27
CA PRO A 160 -45.46 -23.37 12.89
C PRO A 160 -45.17 -23.41 14.38
N TYR A 161 -45.55 -24.48 15.06
CA TYR A 161 -45.28 -24.67 16.48
C TYR A 161 -45.02 -26.14 16.74
N LYS A 162 -44.69 -26.46 18.00
CA LYS A 162 -44.61 -27.84 18.43
C LYS A 162 -44.84 -27.88 19.94
N VAL A 163 -45.81 -28.67 20.37
CA VAL A 163 -46.10 -28.85 21.78
C VAL A 163 -45.27 -30.02 22.29
N LEU A 164 -44.25 -29.73 23.10
CA LEU A 164 -43.30 -30.76 23.53
C LEU A 164 -43.62 -31.20 24.96
N PRO A 165 -43.63 -32.49 25.23
CA PRO A 165 -43.78 -32.94 26.63
C PRO A 165 -42.50 -32.72 27.41
N VAL A 166 -42.64 -32.16 28.61
CA VAL A 166 -41.51 -31.91 29.49
C VAL A 166 -41.92 -32.35 30.89
N GLY A 167 -41.54 -33.57 31.26
CA GLY A 167 -42.00 -34.12 32.53
C GLY A 167 -43.47 -34.44 32.47
N ASP A 168 -44.22 -33.91 33.43
CA ASP A 168 -45.67 -34.07 33.48
C ASP A 168 -46.41 -32.85 32.96
N GLU A 169 -45.69 -31.87 32.41
CA GLU A 169 -46.27 -30.67 31.82
C GLU A 169 -46.02 -30.69 30.32
N VAL A 170 -46.51 -29.65 29.63
CA VAL A 170 -46.27 -29.48 28.20
C VAL A 170 -45.83 -28.04 27.96
N VAL A 171 -44.90 -27.86 27.02
CA VAL A 171 -44.41 -26.55 26.63
C VAL A 171 -44.60 -26.40 25.14
N GLY A 172 -45.18 -25.29 24.72
CA GLY A 172 -45.34 -24.97 23.31
C GLY A 172 -44.19 -24.10 22.83
N ILE A 173 -43.72 -24.38 21.62
CA ILE A 173 -42.62 -23.64 21.01
C ILE A 173 -43.04 -23.22 19.61
N VAL A 174 -43.11 -21.91 19.38
CA VAL A 174 -43.51 -21.35 18.10
C VAL A 174 -42.28 -20.80 17.39
N GLY A 175 -42.14 -21.13 16.11
CA GLY A 175 -41.03 -20.65 15.31
C GLY A 175 -41.34 -19.39 14.54
N TYR A 176 -40.30 -18.57 14.31
CA TYR A 176 -40.41 -17.43 13.41
C TYR A 176 -39.07 -17.20 12.73
N THR A 177 -39.13 -16.69 11.50
CA THR A 177 -37.96 -16.46 10.66
C THR A 177 -37.99 -15.03 10.11
N SER A 178 -36.80 -14.51 9.80
CA SER A 178 -36.67 -13.11 9.41
C SER A 178 -37.62 -12.76 8.27
N LYS A 179 -38.39 -11.70 8.48
CA LYS A 179 -39.24 -11.14 7.44
C LYS A 179 -38.44 -10.78 6.20
N GLU A 180 -37.16 -10.45 6.37
CA GLU A 180 -36.31 -9.99 5.29
C GLU A 180 -35.55 -11.12 4.58
N THR A 181 -35.89 -12.38 4.86
CA THR A 181 -35.12 -13.48 4.30
C THR A 181 -35.20 -13.56 2.78
N PRO A 182 -36.26 -13.11 2.11
CA PRO A 182 -36.21 -13.09 0.64
C PRO A 182 -35.10 -12.20 0.10
N PHE A 183 -34.77 -11.13 0.82
CA PHE A 183 -33.68 -10.25 0.42
C PHE A 183 -32.32 -10.76 0.90
N LEU A 184 -32.31 -11.56 1.96
CA LEU A 184 -31.05 -12.01 2.57
C LEU A 184 -30.56 -13.34 2.03
N SER A 185 -31.35 -14.07 1.25
CA SER A 185 -30.99 -15.44 0.95
C SER A 185 -31.72 -15.88 -0.33
N ASN A 186 -32.02 -17.17 -0.44
CA ASN A 186 -32.53 -17.77 -1.68
C ASN A 186 -33.75 -18.66 -1.40
N PRO A 187 -34.76 -18.14 -0.70
CA PRO A 187 -35.92 -18.98 -0.40
C PRO A 187 -36.71 -19.40 -1.64
N GLY A 188 -36.72 -18.59 -2.70
CA GLY A 188 -37.53 -18.87 -3.86
C GLY A 188 -38.89 -18.17 -3.81
N THR A 189 -39.52 -18.08 -4.99
CA THR A 189 -40.77 -17.33 -5.12
C THR A 189 -41.99 -18.08 -4.59
N ASN A 190 -41.87 -19.39 -4.30
CA ASN A 190 -42.97 -20.16 -3.74
C ASN A 190 -42.93 -20.23 -2.21
N LEU A 191 -42.36 -19.22 -1.56
CA LEU A 191 -42.38 -19.13 -0.11
C LEU A 191 -42.64 -17.68 0.26
N VAL A 192 -43.69 -17.44 1.04
CA VAL A 192 -44.05 -16.10 1.49
C VAL A 192 -43.62 -15.94 2.93
N PHE A 193 -43.08 -14.77 3.27
CA PHE A 193 -42.62 -14.46 4.61
C PHE A 193 -43.46 -13.31 5.15
N GLU A 194 -44.30 -13.62 6.14
CA GLU A 194 -45.20 -12.64 6.73
C GLU A 194 -44.54 -11.93 7.91
N ASP A 195 -45.13 -10.80 8.30
CA ASP A 195 -44.69 -10.10 9.49
C ASP A 195 -44.72 -11.06 10.68
N GLU A 196 -43.59 -11.12 11.40
CA GLU A 196 -43.45 -12.06 12.49
C GLU A 196 -44.60 -11.93 13.49
N ILE A 197 -44.83 -10.71 13.99
CA ILE A 197 -45.85 -10.50 15.01
C ILE A 197 -47.23 -10.88 14.48
N THR A 198 -47.52 -10.52 13.22
CA THR A 198 -48.81 -10.84 12.65
C THR A 198 -49.04 -12.34 12.59
N ALA A 199 -48.01 -13.11 12.24
CA ALA A 199 -48.17 -14.55 12.06
C ALA A 199 -48.07 -15.31 13.38
N LEU A 200 -47.31 -14.80 14.34
CA LEU A 200 -47.11 -15.52 15.60
C LEU A 200 -48.34 -15.44 16.49
N GLN A 201 -48.99 -14.27 16.53
CA GLN A 201 -50.11 -14.06 17.45
C GLN A 201 -51.20 -15.12 17.31
N PRO A 202 -51.72 -15.42 16.11
CA PRO A 202 -52.76 -16.46 16.03
C PRO A 202 -52.29 -17.84 16.48
N GLU A 203 -51.03 -18.21 16.20
CA GLU A 203 -50.54 -19.51 16.63
C GLU A 203 -50.46 -19.60 18.14
N VAL A 204 -50.07 -18.51 18.81
CA VAL A 204 -50.03 -18.50 20.26
C VAL A 204 -51.43 -18.58 20.84
N ASP A 205 -52.40 -17.91 20.22
CA ASP A 205 -53.77 -17.99 20.69
C ASP A 205 -54.35 -19.39 20.51
N LYS A 206 -53.96 -20.08 19.43
CA LYS A 206 -54.43 -21.44 19.24
C LYS A 206 -53.90 -22.36 20.35
N LEU A 207 -52.62 -22.19 20.71
CA LEU A 207 -52.06 -23.01 21.77
C LEU A 207 -52.74 -22.76 23.11
N LYS A 208 -53.08 -21.50 23.40
CA LYS A 208 -53.78 -21.20 24.64
C LYS A 208 -55.15 -21.87 24.68
N THR A 209 -55.88 -21.85 23.56
CA THR A 209 -57.18 -22.51 23.51
C THR A 209 -57.06 -24.02 23.63
N LEU A 210 -55.88 -24.57 23.34
CA LEU A 210 -55.57 -25.96 23.63
C LEU A 210 -55.05 -26.14 25.05
N ASN A 211 -55.14 -25.12 25.90
CA ASN A 211 -54.74 -25.20 27.30
C ASN A 211 -53.24 -25.48 27.44
N VAL A 212 -52.45 -24.70 26.72
CA VAL A 212 -51.01 -24.65 26.85
C VAL A 212 -50.66 -23.30 27.46
N ASN A 213 -50.23 -23.30 28.73
CA ASN A 213 -49.99 -22.06 29.46
C ASN A 213 -48.51 -21.69 29.55
N LYS A 214 -47.62 -22.50 28.98
CA LYS A 214 -46.20 -22.19 28.90
C LYS A 214 -45.78 -22.26 27.45
N ILE A 215 -45.37 -21.12 26.89
CA ILE A 215 -45.12 -21.00 25.46
C ILE A 215 -43.80 -20.26 25.24
N ILE A 216 -42.93 -20.84 24.42
CA ILE A 216 -41.65 -20.23 24.04
C ILE A 216 -41.73 -19.78 22.59
N ALA A 217 -41.24 -18.57 22.33
CA ALA A 217 -41.06 -18.09 20.97
C ALA A 217 -39.60 -18.29 20.60
N LEU A 218 -39.36 -19.12 19.59
CA LEU A 218 -38.01 -19.47 19.14
C LEU A 218 -37.87 -19.06 17.68
N GLY A 219 -37.03 -18.08 17.42
CA GLY A 219 -36.95 -17.59 16.06
C GLY A 219 -35.65 -16.88 15.75
N HIS A 220 -35.64 -16.22 14.59
CA HIS A 220 -34.42 -15.73 13.96
C HIS A 220 -34.74 -14.45 13.19
N SER A 221 -34.75 -13.33 13.92
CA SER A 221 -34.99 -12.03 13.30
C SER A 221 -34.17 -10.90 13.93
N GLY A 222 -33.31 -11.19 14.88
CA GLY A 222 -32.48 -10.17 15.50
C GLY A 222 -33.02 -9.73 16.85
N PHE A 223 -32.10 -9.21 17.67
CA PHE A 223 -32.44 -8.83 19.04
C PHE A 223 -33.57 -7.78 19.06
N GLU A 224 -33.57 -6.86 18.11
CA GLU A 224 -34.58 -5.79 18.13
C GLU A 224 -35.97 -6.34 17.88
N MET A 225 -36.12 -7.22 16.89
CA MET A 225 -37.41 -7.87 16.68
C MET A 225 -37.75 -8.81 17.83
N ASP A 226 -36.74 -9.46 18.42
CA ASP A 226 -36.97 -10.31 19.59
C ASP A 226 -37.66 -9.51 20.69
N LYS A 227 -37.17 -8.31 20.97
CA LYS A 227 -37.79 -7.48 22.01
C LYS A 227 -39.20 -7.05 21.61
N LEU A 228 -39.48 -6.88 20.32
CA LEU A 228 -40.81 -6.50 19.88
C LEU A 228 -41.77 -7.67 19.98
N ILE A 229 -41.30 -8.88 19.64
CA ILE A 229 -42.14 -10.07 19.76
C ILE A 229 -42.53 -10.31 21.21
N ALA A 230 -41.63 -10.03 22.14
CA ALA A 230 -41.91 -10.21 23.56
C ALA A 230 -42.85 -9.15 24.10
N GLN A 231 -42.91 -7.98 23.45
CA GLN A 231 -43.75 -6.89 23.92
C GLN A 231 -45.18 -6.98 23.40
N LYS A 232 -45.37 -7.50 22.19
CA LYS A 232 -46.63 -7.35 21.48
C LYS A 232 -47.40 -8.65 21.30
N VAL A 233 -46.73 -9.79 21.35
CA VAL A 233 -47.39 -11.08 21.17
C VAL A 233 -47.86 -11.52 22.54
N ARG A 234 -49.17 -11.57 22.74
CA ARG A 234 -49.74 -11.93 24.02
C ARG A 234 -49.63 -13.44 24.21
N GLY A 235 -49.15 -13.85 25.38
CA GLY A 235 -49.03 -15.25 25.70
C GLY A 235 -47.65 -15.83 25.50
N VAL A 236 -46.71 -15.07 24.96
CA VAL A 236 -45.34 -15.53 24.87
C VAL A 236 -44.68 -15.33 26.22
N ASP A 237 -44.16 -16.41 26.80
CA ASP A 237 -43.51 -16.33 28.10
C ASP A 237 -42.02 -16.13 27.98
N VAL A 238 -41.41 -16.64 26.91
CA VAL A 238 -39.98 -16.49 26.68
C VAL A 238 -39.73 -16.36 25.19
N VAL A 239 -38.73 -15.58 24.83
CA VAL A 239 -38.28 -15.40 23.45
C VAL A 239 -36.80 -15.77 23.39
N VAL A 240 -36.47 -16.74 22.55
CA VAL A 240 -35.13 -17.26 22.39
C VAL A 240 -34.74 -16.99 20.93
N GLY A 241 -33.81 -16.06 20.72
CA GLY A 241 -33.57 -15.56 19.38
C GLY A 241 -32.15 -15.66 18.85
N GLY A 242 -31.86 -14.90 17.80
CA GLY A 242 -30.59 -15.00 17.12
C GLY A 242 -30.47 -13.94 16.05
N HIS A 243 -29.59 -14.21 15.07
CA HIS A 243 -29.45 -13.43 13.85
C HIS A 243 -28.62 -12.16 14.00
N SER A 244 -28.53 -11.62 15.21
CA SER A 244 -27.74 -10.43 15.46
C SER A 244 -26.50 -10.71 16.31
N ASN A 245 -26.19 -11.98 16.55
CA ASN A 245 -25.03 -12.38 17.35
C ASN A 245 -24.93 -11.55 18.64
N THR A 246 -26.07 -11.43 19.33
CA THR A 246 -26.15 -10.64 20.54
C THR A 246 -25.57 -11.40 21.72
N PHE A 247 -24.69 -10.75 22.48
CA PHE A 247 -24.13 -11.31 23.70
C PHE A 247 -24.75 -10.59 24.89
N LEU A 248 -25.45 -11.33 25.73
CA LEU A 248 -26.00 -10.84 26.99
C LEU A 248 -25.32 -11.56 28.14
N TYR A 249 -25.01 -10.81 29.20
CA TYR A 249 -24.40 -11.41 30.39
C TYR A 249 -24.76 -10.56 31.60
N THR A 250 -24.93 -11.24 32.73
CA THR A 250 -25.20 -10.59 34.02
C THR A 250 -23.98 -10.80 34.91
N GLY A 251 -23.25 -9.72 35.17
CA GLY A 251 -22.05 -9.77 35.96
C GLY A 251 -20.80 -9.47 35.15
N ASN A 252 -19.67 -10.10 35.50
CA ASN A 252 -18.41 -9.85 34.82
C ASN A 252 -18.21 -10.91 33.75
N PRO A 253 -18.06 -10.53 32.47
CA PRO A 253 -18.08 -11.53 31.41
C PRO A 253 -16.82 -12.36 31.40
N PRO A 254 -16.88 -13.59 30.86
CA PRO A 254 -15.73 -14.49 30.92
C PRO A 254 -14.73 -14.40 29.77
N SER A 255 -15.03 -13.69 28.69
CA SER A 255 -14.15 -13.68 27.51
C SER A 255 -14.17 -12.29 26.89
N LYS A 256 -13.80 -12.22 25.61
CA LYS A 256 -13.62 -10.95 24.94
C LYS A 256 -14.95 -10.27 24.65
N GLU A 257 -15.97 -11.03 24.25
CA GLU A 257 -17.22 -10.45 23.80
C GLU A 257 -17.78 -9.46 24.81
N VAL A 258 -18.19 -8.29 24.32
CA VAL A 258 -18.75 -7.25 25.18
C VAL A 258 -20.27 -7.42 25.25
N PRO A 259 -20.88 -7.39 26.44
CA PRO A 259 -22.32 -7.62 26.51
C PRO A 259 -23.13 -6.41 26.05
N ALA A 260 -24.20 -6.70 25.32
CA ALA A 260 -25.16 -5.67 24.93
C ALA A 260 -26.22 -5.42 26.00
N GLY A 261 -26.23 -6.20 27.07
CA GLY A 261 -27.21 -6.05 28.11
C GLY A 261 -27.15 -7.23 29.06
N LYS A 262 -28.05 -7.20 30.04
CA LYS A 262 -28.12 -8.29 31.00
C LYS A 262 -28.74 -9.52 30.39
N TYR A 263 -28.53 -10.66 31.04
CA TYR A 263 -29.09 -11.94 30.61
C TYR A 263 -29.99 -12.47 31.72
N PRO A 264 -31.29 -12.66 31.49
CA PRO A 264 -32.04 -12.36 30.26
C PRO A 264 -32.36 -10.88 30.16
N PHE A 265 -32.53 -10.33 28.97
CA PHE A 265 -33.06 -8.98 28.84
C PHE A 265 -34.56 -9.03 29.11
N ILE A 266 -35.03 -8.24 30.07
CA ILE A 266 -36.41 -8.28 30.51
C ILE A 266 -37.22 -7.25 29.73
N VAL A 267 -38.27 -7.72 29.07
CA VAL A 267 -39.24 -6.87 28.40
C VAL A 267 -40.55 -6.93 29.16
N THR A 268 -41.16 -5.78 29.40
CA THR A 268 -42.49 -5.70 29.96
C THR A 268 -43.49 -5.67 28.80
N SER A 269 -44.33 -6.71 28.71
CA SER A 269 -45.30 -6.79 27.63
C SER A 269 -46.36 -5.69 27.78
N ASP A 270 -47.13 -5.51 26.71
CA ASP A 270 -48.21 -4.52 26.76
C ASP A 270 -49.30 -4.93 27.74
N ASP A 271 -49.46 -6.23 27.99
CA ASP A 271 -50.46 -6.72 28.93
C ASP A 271 -49.89 -6.92 30.34
N GLY A 272 -48.66 -6.49 30.59
CA GLY A 272 -48.17 -6.35 31.95
C GLY A 272 -47.21 -7.41 32.45
N ARG A 273 -46.73 -8.31 31.60
CA ARG A 273 -45.87 -9.39 32.03
C ARG A 273 -44.40 -9.07 31.80
N LYS A 274 -43.55 -9.67 32.64
CA LYS A 274 -42.10 -9.58 32.48
C LYS A 274 -41.63 -10.76 31.64
N VAL A 275 -41.11 -10.47 30.45
CA VAL A 275 -40.82 -11.50 29.46
C VAL A 275 -39.33 -11.52 29.18
N PRO A 276 -38.60 -12.56 29.58
CA PRO A 276 -37.15 -12.58 29.34
C PRO A 276 -36.83 -12.84 27.88
N VAL A 277 -35.79 -12.15 27.39
CA VAL A 277 -35.33 -12.26 26.02
C VAL A 277 -33.85 -12.62 26.06
N VAL A 278 -33.47 -13.71 25.40
CA VAL A 278 -32.14 -14.26 25.52
C VAL A 278 -31.56 -14.58 24.14
N GLN A 279 -30.24 -14.56 24.07
CA GLN A 279 -29.47 -14.94 22.89
C GLN A 279 -28.07 -15.27 23.35
N ALA A 280 -27.38 -16.15 22.61
CA ALA A 280 -26.08 -16.67 23.02
C ALA A 280 -25.06 -16.48 21.88
N TYR A 281 -24.69 -15.21 21.64
CA TYR A 281 -23.65 -14.82 20.68
C TYR A 281 -23.74 -15.65 19.40
N ALA A 282 -22.67 -16.37 19.05
CA ALA A 282 -22.62 -17.11 17.80
C ALA A 282 -21.42 -18.05 17.85
N PHE A 283 -21.23 -18.79 16.76
CA PHE A 283 -20.04 -19.60 16.50
C PHE A 283 -19.86 -20.74 17.50
N GLY A 284 -20.89 -21.06 18.28
CA GLY A 284 -20.81 -22.16 19.22
C GLY A 284 -20.01 -21.88 20.47
N LYS A 285 -19.55 -20.64 20.66
CA LYS A 285 -18.67 -20.34 21.78
C LYS A 285 -19.39 -20.47 23.11
N TYR A 286 -20.65 -20.06 23.17
CA TYR A 286 -21.43 -20.07 24.40
C TYR A 286 -22.64 -20.97 24.26
N LEU A 287 -23.09 -21.49 25.41
CA LEU A 287 -24.35 -22.22 25.52
C LEU A 287 -25.27 -21.42 26.42
N GLY A 288 -26.36 -20.90 25.86
CA GLY A 288 -27.31 -20.16 26.68
C GLY A 288 -27.94 -21.06 27.73
N TYR A 289 -28.14 -20.51 28.93
CA TYR A 289 -28.64 -21.27 30.07
C TYR A 289 -29.61 -20.39 30.83
N LEU A 290 -30.91 -20.70 30.72
CA LEU A 290 -31.94 -19.92 31.40
C LEU A 290 -32.82 -20.86 32.23
N LYS A 291 -33.01 -20.50 33.50
CA LYS A 291 -33.91 -21.20 34.40
C LYS A 291 -35.15 -20.36 34.63
N ILE A 292 -36.32 -20.98 34.49
CA ILE A 292 -37.61 -20.30 34.62
C ILE A 292 -38.42 -21.01 35.70
N GLU A 293 -38.94 -20.23 36.65
CA GLU A 293 -39.84 -20.75 37.67
C GLU A 293 -41.27 -20.43 37.25
N PHE A 294 -42.04 -21.47 36.95
CA PHE A 294 -43.45 -21.34 36.59
C PHE A 294 -44.33 -21.72 37.77
N ASP A 295 -45.47 -21.06 37.88
CA ASP A 295 -46.52 -21.47 38.80
C ASP A 295 -47.38 -22.53 38.12
N GLU A 296 -48.47 -22.95 38.77
CA GLU A 296 -49.29 -24.02 38.21
C GLU A 296 -49.97 -23.61 36.91
N ARG A 297 -50.13 -22.31 36.65
CA ARG A 297 -50.92 -21.82 35.54
C ARG A 297 -50.08 -21.22 34.42
N GLY A 298 -48.77 -21.48 34.42
CA GLY A 298 -47.92 -20.97 33.37
C GLY A 298 -47.43 -19.56 33.56
N ASN A 299 -47.59 -19.00 34.77
CA ASN A 299 -47.04 -17.69 35.06
C ASN A 299 -45.55 -17.80 35.38
N VAL A 300 -44.78 -16.81 34.93
CA VAL A 300 -43.34 -16.78 35.18
C VAL A 300 -43.11 -16.05 36.50
N ILE A 301 -42.61 -16.79 37.49
CA ILE A 301 -42.32 -16.18 38.79
C ILE A 301 -40.98 -15.46 38.76
N SER A 302 -39.97 -16.08 38.14
CA SER A 302 -38.61 -15.54 38.15
C SER A 302 -37.83 -16.17 37.01
N SER A 303 -36.77 -15.48 36.59
CA SER A 303 -35.92 -15.97 35.52
C SER A 303 -34.49 -15.52 35.79
N HIS A 304 -33.56 -16.47 35.77
CA HIS A 304 -32.15 -16.16 36.00
C HIS A 304 -31.29 -17.14 35.21
N GLY A 305 -30.07 -16.72 34.91
CA GLY A 305 -29.13 -17.57 34.22
C GLY A 305 -27.97 -16.75 33.67
N ASN A 306 -27.26 -17.37 32.72
CA ASN A 306 -26.17 -16.72 31.99
C ASN A 306 -25.66 -17.68 30.91
N PRO A 307 -25.05 -17.17 29.84
CA PRO A 307 -24.42 -18.07 28.87
C PRO A 307 -23.15 -18.67 29.43
N ILE A 308 -22.91 -19.93 29.08
CA ILE A 308 -21.81 -20.73 29.62
C ILE A 308 -20.70 -20.79 28.59
N LEU A 309 -19.52 -20.32 28.97
CA LEU A 309 -18.37 -20.35 28.08
C LEU A 309 -17.87 -21.79 27.94
N LEU A 310 -17.91 -22.32 26.71
CA LEU A 310 -17.48 -23.70 26.44
C LEU A 310 -15.99 -23.67 26.12
N ASP A 311 -15.18 -23.64 27.17
CA ASP A 311 -13.73 -23.57 27.05
C ASP A 311 -13.13 -24.96 27.26
N SER A 312 -11.78 -25.00 27.34
CA SER A 312 -11.06 -26.26 27.35
C SER A 312 -11.28 -27.06 28.64
N SER A 313 -11.78 -26.43 29.70
CA SER A 313 -12.01 -27.16 30.94
C SER A 313 -13.07 -28.24 30.77
N ILE A 314 -14.08 -27.97 29.94
CA ILE A 314 -15.13 -28.95 29.67
C ILE A 314 -14.63 -29.95 28.64
N PRO A 315 -14.41 -31.21 28.98
CA PRO A 315 -13.87 -32.15 28.00
C PRO A 315 -14.84 -32.39 26.85
N GLU A 316 -14.29 -32.71 25.69
CA GLU A 316 -15.10 -33.15 24.57
C GLU A 316 -15.53 -34.59 24.80
N ASP A 317 -16.78 -34.88 24.51
CA ASP A 317 -17.27 -36.24 24.67
C ASP A 317 -16.57 -37.14 23.67
N PRO A 318 -15.90 -38.22 24.10
CA PRO A 318 -15.16 -39.05 23.14
C PRO A 318 -16.00 -39.58 22.00
N SER A 319 -17.23 -40.00 22.26
CA SER A 319 -18.01 -40.65 21.22
C SER A 319 -18.40 -39.69 20.11
N ILE A 320 -18.76 -38.46 20.47
CA ILE A 320 -19.05 -37.46 19.45
C ILE A 320 -17.76 -37.05 18.72
N LYS A 321 -16.66 -36.91 19.47
CA LYS A 321 -15.41 -36.50 18.85
C LYS A 321 -14.91 -37.52 17.83
N ALA A 322 -15.10 -38.81 18.12
CA ALA A 322 -14.71 -39.83 17.16
C ALA A 322 -15.56 -39.75 15.90
N ASP A 323 -16.86 -39.54 16.06
CA ASP A 323 -17.73 -39.33 14.90
C ASP A 323 -17.34 -38.06 14.14
N ILE A 324 -16.88 -37.03 14.86
CA ILE A 324 -16.36 -35.84 14.20
C ILE A 324 -15.17 -36.20 13.33
N ASN A 325 -14.23 -36.98 13.87
CA ASN A 325 -13.03 -37.32 13.12
C ASN A 325 -13.34 -38.25 11.95
N LYS A 326 -14.32 -39.13 12.09
CA LYS A 326 -14.74 -39.95 10.96
C LYS A 326 -15.20 -39.08 9.80
N TRP A 327 -15.88 -37.98 10.10
CA TRP A 327 -16.32 -37.05 9.06
C TRP A 327 -15.22 -36.06 8.68
N ARG A 328 -14.20 -35.90 9.53
CA ARG A 328 -13.13 -34.95 9.29
C ARG A 328 -12.15 -35.41 8.21
N ILE A 329 -12.14 -36.71 7.89
CA ILE A 329 -11.19 -37.22 6.91
C ILE A 329 -11.52 -36.70 5.51
N LYS A 330 -12.79 -36.41 5.23
CA LYS A 330 -13.17 -35.89 3.94
C LYS A 330 -12.68 -34.45 3.74
N LEU A 331 -12.57 -33.70 4.83
CA LEU A 331 -12.24 -32.28 4.72
C LEU A 331 -10.75 -32.01 4.63
N ASP A 332 -9.91 -32.97 5.03
CA ASP A 332 -8.47 -32.74 4.99
C ASP A 332 -7.93 -32.60 3.57
N ASP A 333 -8.78 -32.80 2.56
CA ASP A 333 -8.39 -32.55 1.18
C ASP A 333 -8.39 -31.07 0.84
N TYR A 334 -8.85 -30.21 1.76
CA TYR A 334 -8.84 -28.77 1.56
C TYR A 334 -7.78 -28.06 2.38
N SER A 335 -7.04 -28.78 3.21
CA SER A 335 -5.90 -28.25 3.93
C SER A 335 -4.59 -28.88 3.46
N THR A 336 -4.64 -29.69 2.39
CA THR A 336 -3.44 -30.33 1.87
C THR A 336 -2.52 -29.31 1.21
N GLN A 337 -3.07 -28.43 0.39
CA GLN A 337 -2.30 -27.51 -0.43
C GLN A 337 -2.19 -26.15 0.27
N GLU A 338 -0.96 -25.71 0.49
CA GLU A 338 -0.69 -24.41 1.11
C GLU A 338 -0.62 -23.35 0.01
N LEU A 339 -1.50 -22.34 0.12
CA LEU A 339 -1.57 -21.30 -0.90
C LEU A 339 -0.53 -20.19 -0.68
N GLY A 340 -0.12 -19.98 0.56
CA GLY A 340 0.79 -18.90 0.87
C GLY A 340 0.99 -18.81 2.36
N LYS A 341 1.64 -17.73 2.79
CA LYS A 341 1.86 -17.48 4.21
C LYS A 341 1.48 -16.05 4.56
N THR A 342 1.20 -15.84 5.84
CA THR A 342 0.92 -14.54 6.39
C THR A 342 1.66 -14.40 7.71
N ILE A 343 2.27 -13.24 7.93
CA ILE A 343 3.03 -12.95 9.13
C ILE A 343 2.34 -11.94 10.02
N VAL A 344 1.13 -11.51 9.67
CA VAL A 344 0.31 -10.64 10.50
C VAL A 344 -0.99 -11.36 10.78
N TYR A 345 -1.67 -10.94 11.86
CA TYR A 345 -3.01 -11.42 12.13
C TYR A 345 -3.98 -10.79 11.14
N LEU A 346 -4.60 -11.62 10.31
CA LEU A 346 -5.57 -11.15 9.32
C LEU A 346 -6.91 -10.99 10.06
N ASP A 347 -7.13 -9.79 10.60
CA ASP A 347 -8.26 -9.53 11.48
C ASP A 347 -9.53 -9.39 10.65
N GLY A 348 -10.30 -10.47 10.56
CA GLY A 348 -11.60 -10.44 9.92
C GLY A 348 -12.74 -10.61 10.90
N SER A 349 -12.55 -10.12 12.12
CA SER A 349 -13.59 -10.17 13.13
C SER A 349 -14.60 -9.05 12.91
N SER A 350 -15.84 -9.30 13.32
CA SER A 350 -16.88 -8.29 13.15
C SER A 350 -16.57 -7.06 13.99
N GLN A 351 -15.89 -7.25 15.12
CA GLN A 351 -15.62 -6.13 16.01
C GLN A 351 -14.77 -5.08 15.31
N SER A 352 -13.98 -5.50 14.33
CA SER A 352 -13.12 -4.61 13.56
C SER A 352 -13.75 -4.21 12.22
N CYS A 353 -14.04 -5.18 11.36
CA CYS A 353 -14.42 -4.88 9.98
C CYS A 353 -15.78 -4.20 9.87
N ARG A 354 -16.55 -4.11 10.95
CA ARG A 354 -17.83 -3.39 10.94
C ARG A 354 -17.75 -2.07 11.70
N PHE A 355 -16.56 -1.68 12.16
CA PHE A 355 -16.40 -0.47 12.96
C PHE A 355 -15.27 0.40 12.45
N ARG A 356 -14.22 -0.21 11.90
CA ARG A 356 -13.03 0.51 11.50
C ARG A 356 -12.41 -0.18 10.29
N GLU A 357 -11.39 0.46 9.72
CA GLU A 357 -10.56 -0.18 8.72
C GLU A 357 -9.98 -1.47 9.28
N CYS A 358 -10.03 -2.54 8.49
CA CYS A 358 -9.44 -3.81 8.90
C CYS A 358 -8.54 -4.34 7.79
N ASN A 359 -7.43 -4.97 8.19
CA ASN A 359 -6.42 -5.39 7.23
C ASN A 359 -6.86 -6.60 6.42
N MET A 360 -7.82 -7.39 6.92
CA MET A 360 -8.43 -8.39 6.07
C MET A 360 -9.27 -7.72 5.00
N GLY A 361 -9.92 -6.60 5.34
CA GLY A 361 -10.63 -5.83 4.34
C GLY A 361 -9.69 -5.27 3.30
N ASN A 362 -8.55 -4.73 3.75
CA ASN A 362 -7.56 -4.20 2.81
C ASN A 362 -6.97 -5.31 1.95
N LEU A 363 -6.71 -6.47 2.53
CA LEU A 363 -6.22 -7.60 1.75
C LEU A 363 -7.18 -7.92 0.62
N ILE A 364 -8.46 -8.13 0.95
CA ILE A 364 -9.43 -8.57 -0.04
C ILE A 364 -9.59 -7.54 -1.15
N CYS A 365 -9.56 -6.25 -0.81
CA CYS A 365 -9.73 -5.23 -1.85
C CYS A 365 -8.54 -5.17 -2.80
N ASP A 366 -7.32 -5.25 -2.26
CA ASP A 366 -6.15 -5.20 -3.13
C ASP A 366 -6.15 -6.35 -4.13
N ALA A 367 -6.60 -7.53 -3.70
CA ALA A 367 -6.68 -8.66 -4.63
C ALA A 367 -7.77 -8.45 -5.67
N MET A 368 -8.86 -7.77 -5.30
CA MET A 368 -9.91 -7.46 -6.27
C MET A 368 -9.37 -6.56 -7.36
N ILE A 369 -8.63 -5.53 -6.97
CA ILE A 369 -8.03 -4.62 -7.94
C ILE A 369 -6.94 -5.33 -8.74
N ASN A 370 -6.18 -6.22 -8.09
CA ASN A 370 -5.11 -6.92 -8.78
C ASN A 370 -5.63 -7.85 -9.87
N ASN A 371 -6.90 -8.26 -9.79
CA ASN A 371 -7.46 -9.20 -10.75
C ASN A 371 -7.99 -8.49 -12.00
N ASN A 372 -8.43 -7.24 -11.87
CA ASN A 372 -8.98 -6.47 -12.98
C ASN A 372 -7.93 -5.56 -13.62
N LEU A 373 -6.69 -6.03 -13.72
CA LEU A 373 -5.62 -5.28 -14.38
C LEU A 373 -5.57 -5.70 -15.85
N ARG A 374 -5.85 -4.76 -16.75
CA ARG A 374 -5.85 -5.07 -18.17
C ARG A 374 -5.44 -3.86 -19.00
N HIS A 375 -4.69 -4.12 -20.07
CA HIS A 375 -4.27 -3.10 -21.03
C HIS A 375 -5.46 -2.32 -21.59
N THR A 376 -5.32 -1.01 -21.70
CA THR A 376 -6.37 -0.13 -22.23
C THR A 376 -5.72 1.12 -22.83
N ASP A 377 -6.53 2.16 -23.07
CA ASP A 377 -6.06 3.40 -23.65
C ASP A 377 -4.73 3.86 -23.03
N GLU A 378 -3.89 4.49 -23.85
CA GLU A 378 -2.62 5.03 -23.37
C GLU A 378 -2.82 6.25 -22.47
N MET A 379 -4.07 6.71 -22.31
CA MET A 379 -4.42 7.78 -21.39
C MET A 379 -4.97 7.23 -20.07
N PHE A 380 -4.48 6.07 -19.65
CA PHE A 380 -4.92 5.41 -18.42
C PHE A 380 -3.81 4.47 -17.97
N TRP A 381 -3.76 4.21 -16.67
CA TRP A 381 -2.88 3.17 -16.15
C TRP A 381 -3.60 1.87 -15.89
N ASN A 382 -4.91 1.93 -15.61
CA ASN A 382 -5.76 0.76 -15.56
C ASN A 382 -7.21 1.23 -15.49
N HIS A 383 -8.13 0.39 -15.97
CA HIS A 383 -9.51 0.84 -16.10
C HIS A 383 -10.17 1.05 -14.73
N VAL A 384 -9.78 0.26 -13.72
CA VAL A 384 -10.40 0.33 -12.40
C VAL A 384 -9.30 0.46 -11.34
N SER A 385 -9.49 1.41 -10.42
CA SER A 385 -8.55 1.68 -9.35
C SER A 385 -9.16 1.56 -7.96
N MET A 386 -10.47 1.36 -7.86
CA MET A 386 -11.17 1.45 -6.58
C MET A 386 -11.86 0.13 -6.26
N CYS A 387 -12.16 -0.03 -4.96
CA CYS A 387 -12.81 -1.23 -4.44
C CYS A 387 -13.58 -0.85 -3.19
N ILE A 388 -14.78 -1.40 -3.06
CA ILE A 388 -15.53 -1.33 -1.81
C ILE A 388 -16.03 -2.72 -1.46
N LEU A 389 -16.22 -2.97 -0.17
CA LEU A 389 -16.48 -4.32 0.33
C LEU A 389 -17.23 -4.22 1.65
N ASN A 390 -18.44 -4.78 1.69
CA ASN A 390 -19.24 -4.73 2.91
C ASN A 390 -18.57 -5.54 4.01
N GLY A 391 -18.28 -4.89 5.14
CA GLY A 391 -17.55 -5.55 6.20
C GLY A 391 -18.21 -6.83 6.68
N GLY A 392 -19.54 -6.84 6.72
CA GLY A 392 -20.25 -8.03 7.14
C GLY A 392 -19.99 -9.23 6.26
N GLY A 393 -19.49 -9.03 5.04
CA GLY A 393 -19.15 -10.12 4.16
C GLY A 393 -17.85 -10.83 4.51
N ILE A 394 -17.05 -10.24 5.38
CA ILE A 394 -15.86 -10.89 5.93
C ILE A 394 -16.32 -11.67 7.17
N ARG A 395 -16.34 -13.00 7.04
CA ARG A 395 -17.04 -13.85 8.00
C ARG A 395 -16.12 -14.56 8.98
N SER A 396 -14.80 -14.35 8.92
CA SER A 396 -13.91 -15.02 9.86
C SER A 396 -12.49 -14.49 9.77
N PRO A 397 -11.76 -14.40 10.88
CA PRO A 397 -10.33 -14.08 10.82
C PRO A 397 -9.48 -15.28 10.42
N ILE A 398 -8.18 -15.01 10.24
CA ILE A 398 -7.19 -16.04 9.94
C ILE A 398 -5.95 -15.78 10.80
N ASP A 399 -5.65 -16.71 11.70
CA ASP A 399 -4.50 -16.57 12.60
C ASP A 399 -3.20 -16.88 11.86
N GLU A 400 -2.09 -16.30 12.35
CA GLU A 400 -0.78 -16.47 11.73
C GLU A 400 0.20 -17.30 12.55
N ARG A 401 -0.17 -17.72 13.77
CA ARG A 401 0.79 -18.38 14.67
C ARG A 401 1.09 -19.82 14.29
N ASN A 402 0.27 -20.44 13.43
CA ASN A 402 0.55 -21.79 12.95
C ASN A 402 1.54 -21.78 11.79
N ASP A 403 2.68 -21.12 11.97
CA ASP A 403 3.60 -20.83 10.86
C ASP A 403 2.89 -20.14 9.70
N GLY A 404 1.79 -19.44 10.00
CA GLY A 404 1.20 -18.52 9.04
C GLY A 404 0.57 -19.16 7.83
N THR A 405 0.50 -20.49 7.78
CA THR A 405 -0.03 -21.16 6.60
C THR A 405 -1.48 -20.77 6.32
N ILE A 406 -1.79 -20.54 5.04
CA ILE A 406 -3.14 -20.26 4.56
C ILE A 406 -3.47 -21.36 3.56
N THR A 407 -4.46 -22.18 3.89
CA THR A 407 -4.97 -23.19 2.99
C THR A 407 -6.35 -22.77 2.49
N TRP A 408 -6.93 -23.61 1.62
CA TRP A 408 -8.29 -23.34 1.16
C TRP A 408 -9.27 -23.33 2.31
N GLU A 409 -9.09 -24.25 3.28
CA GLU A 409 -9.98 -24.29 4.44
C GLU A 409 -10.03 -22.94 5.14
N ASN A 410 -8.85 -22.32 5.35
CA ASN A 410 -8.81 -21.00 5.97
C ASN A 410 -9.65 -19.99 5.18
N LEU A 411 -9.51 -20.00 3.86
CA LEU A 411 -10.19 -19.01 3.02
C LEU A 411 -11.70 -19.26 2.97
N ALA A 412 -12.09 -20.54 2.95
CA ALA A 412 -13.52 -20.86 2.89
C ALA A 412 -14.29 -20.36 4.11
N ALA A 413 -13.61 -20.15 5.24
CA ALA A 413 -14.27 -19.54 6.39
C ALA A 413 -14.37 -18.02 6.25
N VAL A 414 -13.43 -17.40 5.53
CA VAL A 414 -13.50 -15.96 5.32
C VAL A 414 -14.55 -15.62 4.28
N LEU A 415 -14.60 -16.37 3.17
CA LEU A 415 -15.52 -16.10 2.08
C LEU A 415 -16.34 -17.36 1.78
N PRO A 416 -17.31 -17.69 2.64
CA PRO A 416 -18.04 -18.95 2.48
C PRO A 416 -19.16 -18.94 1.44
N PHE A 417 -19.70 -17.78 1.10
CA PHE A 417 -20.94 -17.74 0.31
C PHE A 417 -20.74 -18.07 -1.16
N GLY A 418 -19.54 -17.91 -1.69
CA GLY A 418 -19.32 -18.19 -3.09
C GLY A 418 -19.87 -17.15 -4.05
N GLY A 419 -19.95 -15.89 -3.62
CA GLY A 419 -20.28 -14.82 -4.53
C GLY A 419 -19.11 -14.54 -5.48
N THR A 420 -19.27 -13.49 -6.27
CA THR A 420 -18.26 -13.09 -7.24
C THR A 420 -17.82 -11.64 -6.97
N PHE A 421 -16.72 -11.25 -7.63
CA PHE A 421 -16.18 -9.89 -7.56
C PHE A 421 -16.39 -9.25 -8.93
N ASP A 422 -17.32 -8.30 -9.00
CA ASP A 422 -17.81 -7.74 -10.25
C ASP A 422 -17.25 -6.35 -10.51
N LEU A 423 -17.27 -5.95 -11.77
CA LEU A 423 -16.90 -4.60 -12.20
C LEU A 423 -18.16 -3.76 -12.39
N VAL A 424 -18.21 -2.60 -11.74
CA VAL A 424 -19.34 -1.69 -11.80
C VAL A 424 -18.85 -0.32 -12.27
N GLN A 425 -19.80 0.58 -12.53
CA GLN A 425 -19.51 1.94 -12.97
C GLN A 425 -20.50 2.89 -12.31
N LEU A 426 -19.99 3.92 -11.62
CA LEU A 426 -20.85 4.73 -10.78
C LEU A 426 -20.52 6.21 -10.89
N LYS A 427 -21.53 7.03 -10.62
CA LYS A 427 -21.35 8.47 -10.54
C LYS A 427 -20.79 8.86 -9.18
N GLY A 428 -19.99 9.92 -9.16
CA GLY A 428 -19.48 10.43 -7.90
C GLY A 428 -20.55 10.55 -6.83
N SER A 429 -21.74 11.01 -7.20
CA SER A 429 -22.80 11.16 -6.22
C SER A 429 -23.29 9.79 -5.72
N THR A 430 -23.38 8.81 -6.62
CA THR A 430 -23.78 7.47 -6.22
C THR A 430 -22.82 6.90 -5.17
N LEU A 431 -21.51 7.07 -5.39
CA LEU A 431 -20.55 6.60 -4.40
C LEU A 431 -20.65 7.41 -3.10
N LYS A 432 -20.89 8.72 -3.22
CA LYS A 432 -21.02 9.54 -2.02
C LYS A 432 -22.18 9.07 -1.15
N LYS A 433 -23.27 8.62 -1.77
CA LYS A 433 -24.41 8.16 -1.00
C LYS A 433 -24.12 6.82 -0.33
N ALA A 434 -23.36 5.95 -0.98
CA ALA A 434 -23.03 4.67 -0.39
C ALA A 434 -22.14 4.82 0.83
N PHE A 435 -21.25 5.82 0.84
CA PHE A 435 -20.40 6.02 2.01
C PHE A 435 -21.13 6.75 3.12
N GLU A 436 -22.15 7.54 2.80
CA GLU A 436 -23.06 8.05 3.83
C GLU A 436 -23.88 6.93 4.43
N HIS A 437 -24.33 5.99 3.59
CA HIS A 437 -25.06 4.81 4.07
C HIS A 437 -24.17 3.90 4.90
N SER A 438 -22.87 3.85 4.60
CA SER A 438 -21.95 3.00 5.33
C SER A 438 -21.97 3.28 6.83
N VAL A 439 -22.32 4.51 7.23
CA VAL A 439 -22.26 4.91 8.63
C VAL A 439 -23.55 5.53 9.11
N HIS A 440 -24.67 5.21 8.44
CA HIS A 440 -25.93 5.87 8.77
C HIS A 440 -26.50 5.38 10.10
N ARG A 441 -26.13 4.19 10.55
CA ARG A 441 -26.50 3.68 11.87
C ARG A 441 -25.27 3.09 12.55
N TYR A 442 -24.13 3.76 12.39
CA TYR A 442 -22.86 3.25 12.92
C TYR A 442 -22.96 3.01 14.42
N GLY A 443 -22.37 1.89 14.85
CA GLY A 443 -22.29 1.55 16.26
C GLY A 443 -23.01 0.28 16.63
N GLN A 444 -23.84 -0.26 15.73
CA GLN A 444 -24.67 -1.42 16.01
C GLN A 444 -24.09 -2.69 15.40
N SER A 445 -22.84 -2.67 14.96
CA SER A 445 -22.18 -3.85 14.40
C SER A 445 -23.00 -4.42 13.24
N THR A 446 -23.39 -3.54 12.32
CA THR A 446 -24.12 -3.92 11.13
C THR A 446 -23.16 -4.13 9.97
N GLY A 447 -23.56 -5.00 9.04
CA GLY A 447 -22.65 -5.45 8.00
C GLY A 447 -22.34 -4.42 6.92
N GLU A 448 -23.11 -3.34 6.82
CA GLU A 448 -22.97 -2.46 5.67
C GLU A 448 -21.77 -1.52 5.77
N PHE A 449 -21.10 -1.45 6.93
CA PHE A 449 -19.85 -0.70 7.02
C PHE A 449 -18.87 -1.18 5.96
N LEU A 450 -18.32 -0.25 5.19
CA LEU A 450 -17.55 -0.58 4.00
C LEU A 450 -16.05 -0.59 4.28
N GLN A 451 -15.39 -1.66 3.86
CA GLN A 451 -13.94 -1.69 3.68
C GLN A 451 -13.65 -1.31 2.23
N VAL A 452 -12.48 -0.70 2.00
CA VAL A 452 -12.23 0.01 0.76
C VAL A 452 -10.85 -0.29 0.23
N GLY A 453 -10.67 0.01 -1.05
CA GLY A 453 -9.37 -0.04 -1.70
C GLY A 453 -9.33 1.03 -2.75
N GLY A 454 -8.21 1.74 -2.84
CA GLY A 454 -8.15 2.89 -3.72
C GLY A 454 -9.02 4.05 -3.27
N ILE A 455 -9.42 4.07 -2.00
CA ILE A 455 -10.32 5.09 -1.47
C ILE A 455 -9.81 5.54 -0.10
N HIS A 456 -9.83 6.86 0.12
CA HIS A 456 -9.53 7.45 1.41
C HIS A 456 -10.77 8.20 1.86
N VAL A 457 -11.53 7.63 2.79
CA VAL A 457 -12.72 8.28 3.33
C VAL A 457 -12.42 8.70 4.76
N VAL A 458 -13.01 9.83 5.16
CA VAL A 458 -12.94 10.32 6.53
C VAL A 458 -14.36 10.62 6.98
N TYR A 459 -14.77 10.04 8.10
CA TYR A 459 -16.11 10.22 8.63
C TYR A 459 -16.12 11.22 9.77
N ASP A 460 -17.32 11.73 10.06
CA ASP A 460 -17.55 12.58 11.24
C ASP A 460 -18.95 12.20 11.74
N LEU A 461 -19.01 11.39 12.79
CA LEU A 461 -20.27 10.83 13.26
C LEU A 461 -21.13 11.84 14.02
N SER A 462 -20.51 12.88 14.58
CA SER A 462 -21.30 13.92 15.23
C SER A 462 -22.32 14.51 14.27
N ARG A 463 -21.94 14.69 13.01
CA ARG A 463 -22.86 15.22 12.01
C ARG A 463 -24.04 14.27 11.84
N LYS A 464 -25.11 14.78 11.23
CA LYS A 464 -26.33 13.99 11.12
C LYS A 464 -26.19 12.94 10.02
N PRO A 465 -26.83 11.78 10.19
CA PRO A 465 -26.79 10.77 9.13
C PRO A 465 -27.10 11.35 7.77
N GLY A 466 -26.39 10.87 6.75
CA GLY A 466 -26.47 11.43 5.43
C GLY A 466 -25.56 12.63 5.21
N ASP A 467 -24.87 13.08 6.25
CA ASP A 467 -24.01 14.26 6.19
C ASP A 467 -22.79 14.01 7.08
N ARG A 468 -22.22 12.80 6.98
CA ARG A 468 -21.12 12.37 7.83
C ARG A 468 -19.85 12.07 7.05
N VAL A 469 -19.91 12.03 5.72
CA VAL A 469 -18.71 11.89 4.89
C VAL A 469 -18.09 13.28 4.77
N VAL A 470 -17.06 13.55 5.57
CA VAL A 470 -16.40 14.85 5.54
C VAL A 470 -15.28 14.91 4.50
N LYS A 471 -14.72 13.77 4.12
CA LYS A 471 -13.69 13.73 3.09
C LYS A 471 -13.82 12.41 2.33
N LEU A 472 -13.58 12.48 1.02
CA LEU A 472 -13.67 11.28 0.18
C LEU A 472 -12.79 11.54 -1.06
N ASP A 473 -11.59 10.98 -1.04
CA ASP A 473 -10.64 11.09 -2.15
C ASP A 473 -10.48 9.73 -2.80
N VAL A 474 -10.20 9.73 -4.10
CA VAL A 474 -10.18 8.50 -4.89
C VAL A 474 -8.93 8.45 -5.75
N LEU A 475 -8.52 7.23 -6.08
CA LEU A 475 -7.30 7.00 -6.85
C LEU A 475 -7.61 7.16 -8.33
N CYS A 476 -6.89 8.05 -8.99
CA CYS A 476 -7.19 8.37 -10.38
C CYS A 476 -6.80 7.24 -11.32
N THR A 477 -7.59 7.10 -12.38
CA THR A 477 -7.31 6.15 -13.45
C THR A 477 -6.81 6.83 -14.73
N LYS A 478 -7.31 8.03 -15.02
CA LYS A 478 -6.87 8.79 -16.20
C LYS A 478 -5.67 9.65 -15.83
N CYS A 479 -4.55 8.96 -15.60
CA CYS A 479 -3.34 9.59 -15.07
C CYS A 479 -2.20 8.58 -15.16
N ARG A 480 -1.02 9.06 -15.56
CA ARG A 480 0.14 8.17 -15.67
C ARG A 480 0.77 7.87 -14.32
N VAL A 481 0.47 8.65 -13.29
CA VAL A 481 0.89 8.34 -11.93
C VAL A 481 -0.34 8.30 -11.04
N PRO A 482 -0.75 7.13 -10.56
CA PRO A 482 -1.95 7.08 -9.70
C PRO A 482 -1.76 7.93 -8.46
N SER A 483 -2.73 8.80 -8.20
CA SER A 483 -2.69 9.69 -7.04
C SER A 483 -4.12 9.98 -6.63
N TYR A 484 -4.27 10.48 -5.41
CA TYR A 484 -5.59 10.63 -4.81
C TYR A 484 -6.15 12.01 -5.08
N ASP A 485 -7.41 12.07 -5.48
CA ASP A 485 -8.08 13.29 -5.86
C ASP A 485 -9.49 13.26 -5.30
N PRO A 486 -9.99 14.39 -4.80
CA PRO A 486 -11.34 14.40 -4.21
C PRO A 486 -12.39 13.84 -5.16
N LEU A 487 -13.40 13.21 -4.58
CA LEU A 487 -14.52 12.72 -5.37
C LEU A 487 -15.25 13.90 -6.00
N LYS A 488 -15.56 13.78 -7.29
CA LYS A 488 -16.42 14.73 -7.99
C LYS A 488 -17.75 14.05 -8.28
N MET A 489 -18.83 14.67 -7.81
CA MET A 489 -20.16 14.04 -7.92
C MET A 489 -20.53 13.75 -9.36
N ASP A 490 -20.22 14.67 -10.27
CA ASP A 490 -20.62 14.51 -11.66
C ASP A 490 -19.87 13.37 -12.34
N GLU A 491 -18.64 13.12 -11.92
CA GLU A 491 -17.78 12.16 -12.60
C GLU A 491 -18.41 10.77 -12.54
N VAL A 492 -17.79 9.84 -13.28
CA VAL A 492 -18.23 8.45 -13.34
C VAL A 492 -17.03 7.57 -13.00
N TYR A 493 -17.21 6.64 -12.08
CA TYR A 493 -16.12 5.81 -11.60
C TYR A 493 -16.45 4.33 -11.77
N LYS A 494 -15.40 3.54 -12.02
CA LYS A 494 -15.48 2.10 -12.06
C LYS A 494 -15.03 1.55 -10.71
N VAL A 495 -15.78 0.60 -10.19
CA VAL A 495 -15.51 0.03 -8.87
C VAL A 495 -15.59 -1.49 -8.96
N ILE A 496 -14.72 -2.18 -8.25
CA ILE A 496 -14.82 -3.61 -8.04
C ILE A 496 -15.51 -3.82 -6.71
N LEU A 497 -16.61 -4.54 -6.73
CA LEU A 497 -17.44 -4.77 -5.55
C LEU A 497 -17.99 -6.19 -5.59
N PRO A 498 -18.43 -6.71 -4.45
CA PRO A 498 -19.08 -8.03 -4.46
C PRO A 498 -20.37 -8.01 -5.25
N ASN A 499 -20.72 -9.16 -5.82
CA ASN A 499 -22.03 -9.32 -6.44
C ASN A 499 -23.15 -8.99 -5.46
N PHE A 500 -22.90 -9.22 -4.17
CA PHE A 500 -23.89 -8.96 -3.14
C PHE A 500 -24.30 -7.49 -3.11
N LEU A 501 -23.37 -6.58 -3.39
CA LEU A 501 -23.65 -5.16 -3.31
C LEU A 501 -24.21 -4.59 -4.62
N ALA A 502 -23.73 -5.10 -5.76
CA ALA A 502 -24.25 -4.64 -7.04
C ALA A 502 -25.76 -4.87 -7.16
N ASN A 503 -26.29 -5.86 -6.42
CA ASN A 503 -27.70 -6.22 -6.49
C ASN A 503 -28.54 -5.51 -5.44
N GLY A 504 -27.97 -4.57 -4.70
CA GLY A 504 -28.70 -3.83 -3.69
C GLY A 504 -28.66 -4.43 -2.30
N GLY A 505 -27.77 -5.38 -2.05
CA GLY A 505 -27.71 -6.00 -0.74
C GLY A 505 -27.26 -5.03 0.34
N ASP A 506 -27.48 -5.44 1.58
CA ASP A 506 -27.14 -4.66 2.77
C ASP A 506 -27.77 -3.27 2.76
N GLY A 507 -28.88 -3.11 2.04
CA GLY A 507 -29.55 -1.83 1.98
C GLY A 507 -28.93 -0.86 0.99
N PHE A 508 -28.11 -1.35 0.07
CA PHE A 508 -27.46 -0.49 -0.92
C PHE A 508 -28.31 -0.37 -2.19
N GLN A 509 -29.56 0.05 -1.99
CA GLN A 509 -30.46 0.24 -3.12
C GLN A 509 -29.86 1.20 -4.14
N MET A 510 -29.24 2.28 -3.67
CA MET A 510 -28.73 3.29 -4.59
C MET A 510 -27.77 2.67 -5.61
N ILE A 511 -27.01 1.65 -5.21
CA ILE A 511 -26.09 1.00 -6.13
C ILE A 511 -26.86 0.23 -7.19
N LYS A 512 -27.78 -0.64 -6.76
CA LYS A 512 -28.55 -1.46 -7.70
C LYS A 512 -29.28 -0.59 -8.71
N ASP A 513 -29.84 0.54 -8.26
CA ASP A 513 -30.60 1.41 -9.14
C ASP A 513 -29.71 2.13 -10.14
N GLU A 514 -28.71 2.84 -9.65
CA GLU A 514 -28.05 3.91 -10.40
C GLU A 514 -26.78 3.50 -11.13
N LEU A 515 -26.42 2.22 -11.12
CA LEU A 515 -25.19 1.79 -11.78
C LEU A 515 -25.29 1.91 -13.30
N LEU A 516 -24.21 2.37 -13.93
CA LEU A 516 -24.13 2.59 -15.36
C LEU A 516 -23.52 1.41 -16.11
N ARG A 517 -23.15 0.34 -15.40
CA ARG A 517 -22.49 -0.81 -16.00
C ARG A 517 -22.30 -1.89 -14.94
N HIS A 518 -22.47 -3.16 -15.32
CA HIS A 518 -22.28 -4.27 -14.38
C HIS A 518 -21.74 -5.46 -15.18
N ASP A 519 -20.47 -5.78 -14.98
CA ASP A 519 -19.83 -6.91 -15.63
C ASP A 519 -19.44 -7.92 -14.56
N SER A 520 -19.84 -9.18 -14.75
CA SER A 520 -19.59 -10.21 -13.75
C SER A 520 -18.14 -10.65 -13.78
N GLY A 521 -17.65 -11.13 -12.63
CA GLY A 521 -16.24 -11.45 -12.50
C GLY A 521 -15.96 -12.82 -11.90
N ASP A 522 -14.74 -13.00 -11.39
CA ASP A 522 -14.29 -14.30 -10.93
C ASP A 522 -14.81 -14.59 -9.52
N GLN A 523 -14.65 -15.84 -9.10
CA GLN A 523 -15.10 -16.25 -7.78
C GLN A 523 -14.36 -15.47 -6.70
N ASP A 524 -15.06 -15.10 -5.63
CA ASP A 524 -14.44 -14.33 -4.57
C ASP A 524 -13.33 -15.12 -3.87
N ILE A 525 -13.45 -16.44 -3.82
CA ILE A 525 -12.44 -17.23 -3.13
C ILE A 525 -11.25 -17.49 -4.05
N ASN A 526 -11.46 -17.59 -5.36
CA ASN A 526 -10.36 -17.79 -6.28
C ASN A 526 -9.57 -16.51 -6.50
N VAL A 527 -10.26 -15.36 -6.52
CA VAL A 527 -9.57 -14.08 -6.61
C VAL A 527 -8.60 -13.93 -5.44
N VAL A 528 -9.02 -14.33 -4.24
CA VAL A 528 -8.17 -14.16 -3.06
C VAL A 528 -7.17 -15.31 -2.94
N SER A 529 -7.50 -16.48 -3.49
CA SER A 529 -6.51 -17.57 -3.52
C SER A 529 -5.39 -17.26 -4.51
N THR A 530 -5.73 -16.67 -5.66
CA THR A 530 -4.73 -16.39 -6.68
C THR A 530 -3.75 -15.32 -6.21
N TYR A 531 -4.26 -14.25 -5.60
CA TYR A 531 -3.41 -13.14 -5.18
C TYR A 531 -2.51 -13.48 -4.00
N ILE A 532 -2.86 -14.47 -3.19
CA ILE A 532 -1.99 -14.84 -2.09
C ILE A 532 -0.83 -15.70 -2.57
N SER A 533 -1.04 -16.51 -3.61
CA SER A 533 0.06 -17.28 -4.17
C SER A 533 1.00 -16.38 -4.97
N LYS A 534 0.44 -15.42 -5.72
CA LYS A 534 1.26 -14.48 -6.46
C LYS A 534 2.25 -13.77 -5.55
N MET A 535 1.82 -13.46 -4.32
CA MET A 535 2.64 -12.72 -3.37
C MET A 535 3.43 -13.62 -2.44
N LYS A 536 2.98 -14.86 -2.24
CA LYS A 536 3.71 -15.88 -1.49
C LYS A 536 3.72 -15.62 0.01
N VAL A 537 3.83 -14.36 0.42
CA VAL A 537 3.85 -13.99 1.83
C VAL A 537 3.24 -12.60 1.95
N ILE A 538 2.27 -12.45 2.86
CA ILE A 538 1.49 -11.23 2.94
C ILE A 538 1.61 -10.62 4.34
N TYR A 539 1.43 -9.31 4.40
CA TYR A 539 1.52 -8.55 5.64
C TYR A 539 0.67 -7.29 5.51
N PRO A 540 -0.61 -7.41 5.14
CA PRO A 540 -1.44 -6.22 4.96
C PRO A 540 -1.60 -5.43 6.25
N ALA A 541 -1.58 -4.11 6.12
CA ALA A 541 -1.60 -3.21 7.26
C ALA A 541 -2.85 -2.33 7.24
N VAL A 542 -3.07 -1.66 8.36
CA VAL A 542 -4.03 -0.57 8.47
C VAL A 542 -3.28 0.73 8.25
N GLU A 543 -3.61 1.46 7.18
CA GLU A 543 -2.80 2.58 6.72
C GLU A 543 -3.59 3.87 6.54
N GLY A 544 -4.78 3.98 7.14
CA GLY A 544 -5.54 5.21 7.08
C GLY A 544 -6.47 5.37 5.90
N ARG A 545 -6.82 4.29 5.20
CA ARG A 545 -7.81 4.39 4.15
C ARG A 545 -9.16 4.87 4.69
N ILE A 546 -9.44 4.59 5.96
CA ILE A 546 -10.65 5.07 6.64
C ILE A 546 -10.23 5.74 7.93
N LYS A 547 -10.76 6.93 8.19
CA LYS A 547 -10.38 7.74 9.32
C LYS A 547 -11.61 8.39 9.94
N PHE A 548 -11.48 8.80 11.20
CA PHE A 548 -12.56 9.43 11.93
C PHE A 548 -12.08 10.76 12.50
N SER A 549 -12.75 11.84 12.11
CA SER A 549 -12.46 13.17 12.63
C SER A 549 -12.51 13.18 14.15
N ALA B 26 36.49 43.85 -33.03
CA ALA B 26 35.60 43.09 -32.15
C ALA B 26 36.01 41.63 -32.12
N TRP B 27 36.77 41.23 -31.09
CA TRP B 27 37.18 39.84 -30.93
C TRP B 27 36.08 39.12 -30.18
N GLU B 28 35.39 38.22 -30.87
CA GLU B 28 34.26 37.49 -30.31
C GLU B 28 34.66 36.05 -30.03
N LEU B 29 34.23 35.54 -28.89
CA LEU B 29 34.44 34.15 -28.48
C LEU B 29 33.09 33.49 -28.25
N THR B 30 32.96 32.26 -28.70
CA THR B 30 31.74 31.48 -28.52
C THR B 30 32.07 30.27 -27.65
N ILE B 31 31.53 30.21 -26.44
CA ILE B 31 31.75 29.10 -25.53
C ILE B 31 30.58 28.14 -25.66
N LEU B 32 30.88 26.91 -26.02
CA LEU B 32 29.92 25.82 -26.00
C LEU B 32 30.28 24.92 -24.82
N HIS B 33 29.29 24.59 -23.99
CA HIS B 33 29.58 23.86 -22.77
C HIS B 33 28.45 22.90 -22.42
N THR B 34 28.83 21.66 -22.13
CA THR B 34 27.98 20.68 -21.50
C THR B 34 28.40 20.53 -20.05
N ASN B 35 27.53 19.88 -19.27
CA ASN B 35 27.87 19.54 -17.88
C ASN B 35 26.92 18.47 -17.38
N ASP B 36 27.42 17.66 -16.45
CA ASP B 36 26.63 16.61 -15.81
C ASP B 36 25.94 15.73 -16.84
N VAL B 37 26.69 15.34 -17.87
CA VAL B 37 26.12 14.51 -18.93
C VAL B 37 25.74 13.14 -18.39
N HIS B 38 26.56 12.58 -17.49
CA HIS B 38 26.22 11.36 -16.76
C HIS B 38 25.91 10.19 -17.70
N SER B 39 26.84 9.90 -18.60
CA SER B 39 26.90 8.66 -19.36
C SER B 39 25.72 8.49 -20.31
N ARG B 40 25.03 9.57 -20.64
CA ARG B 40 23.94 9.51 -21.62
C ARG B 40 24.51 9.74 -23.01
N LEU B 41 25.32 8.76 -23.43
CA LEU B 41 25.93 8.79 -24.76
C LEU B 41 24.86 8.72 -25.85
N GLU B 42 23.92 7.79 -25.73
CA GLU B 42 22.82 7.68 -26.67
C GLU B 42 21.80 8.78 -26.42
N GLN B 43 20.98 9.03 -27.44
CA GLN B 43 19.87 9.97 -27.29
C GLN B 43 18.87 9.42 -26.28
N THR B 44 18.16 10.32 -25.61
CA THR B 44 17.32 9.96 -24.47
C THR B 44 15.92 10.54 -24.65
N SER B 45 15.01 10.09 -23.79
CA SER B 45 13.68 10.68 -23.68
C SER B 45 13.80 12.07 -23.04
N GLU B 46 12.70 12.83 -23.12
CA GLU B 46 12.73 14.18 -22.55
C GLU B 46 12.91 14.17 -21.04
N ASP B 47 12.58 13.05 -20.38
CA ASP B 47 12.88 12.88 -18.97
C ASP B 47 14.25 12.26 -18.74
N SER B 48 15.06 12.12 -19.79
CA SER B 48 16.41 11.58 -19.76
C SER B 48 16.43 10.08 -19.48
N SER B 49 15.26 9.43 -19.47
CA SER B 49 15.22 7.98 -19.36
C SER B 49 15.49 7.35 -20.71
N LYS B 50 15.45 6.01 -20.76
CA LYS B 50 15.81 5.31 -21.98
C LYS B 50 14.88 5.69 -23.12
N CYS B 51 15.47 5.97 -24.29
CA CYS B 51 14.72 6.41 -25.47
C CYS B 51 13.76 5.34 -25.97
N VAL B 52 12.46 5.61 -25.83
CA VAL B 52 11.42 4.69 -26.30
C VAL B 52 11.09 4.98 -27.75
N ASP B 53 10.56 6.18 -28.00
CA ASP B 53 10.07 6.58 -29.31
C ASP B 53 11.09 7.53 -29.93
N ALA B 54 11.88 7.02 -30.87
CA ALA B 54 13.05 7.73 -31.36
C ALA B 54 12.72 9.06 -32.04
N SER B 55 11.51 9.23 -32.55
CA SER B 55 11.15 10.47 -33.23
C SER B 55 10.97 11.65 -32.28
N ARG B 56 11.03 11.43 -30.96
CA ARG B 56 10.89 12.50 -29.98
C ARG B 56 12.06 12.55 -29.01
N CYS B 57 13.11 11.74 -29.25
CA CYS B 57 14.22 11.67 -28.33
C CYS B 57 15.18 12.84 -28.55
N MET B 58 16.11 13.00 -27.61
CA MET B 58 16.93 14.20 -27.51
C MET B 58 18.33 13.83 -27.07
N GLY B 59 19.26 14.77 -27.26
CA GLY B 59 20.60 14.59 -26.76
C GLY B 59 21.39 13.55 -27.54
N GLY B 60 22.29 12.89 -26.84
CA GLY B 60 23.24 12.01 -27.47
C GLY B 60 24.48 12.75 -27.94
N VAL B 61 25.59 12.01 -28.02
CA VAL B 61 26.84 12.61 -28.49
C VAL B 61 26.85 12.76 -30.01
N ALA B 62 26.03 11.98 -30.72
CA ALA B 62 25.94 12.12 -32.16
C ALA B 62 25.16 13.37 -32.55
N ARG B 63 24.08 13.67 -31.82
CA ARG B 63 23.32 14.88 -32.10
C ARG B 63 24.05 16.12 -31.60
N LEU B 64 24.82 15.99 -30.51
CA LEU B 64 25.65 17.11 -30.06
C LEU B 64 26.71 17.45 -31.11
N PHE B 65 27.33 16.42 -31.69
CA PHE B 65 28.32 16.62 -32.74
C PHE B 65 27.78 17.50 -33.87
N THR B 66 26.64 17.09 -34.45
CA THR B 66 26.01 17.88 -35.51
C THR B 66 25.89 19.35 -35.12
N LYS B 67 25.32 19.62 -33.95
CA LYS B 67 25.11 21.01 -33.55
C LYS B 67 26.43 21.73 -33.35
N VAL B 68 27.40 21.06 -32.74
CA VAL B 68 28.72 21.66 -32.57
C VAL B 68 29.31 22.01 -33.93
N GLN B 69 29.21 21.09 -34.90
CA GLN B 69 29.75 21.38 -36.22
C GLN B 69 29.08 22.61 -36.82
N GLN B 70 27.75 22.65 -36.84
CA GLN B 70 27.05 23.80 -37.40
C GLN B 70 27.60 25.12 -36.88
N ILE B 71 28.05 25.15 -35.63
CA ILE B 71 28.53 26.39 -35.04
C ILE B 71 29.98 26.64 -35.39
N ARG B 72 30.80 25.58 -35.44
CA ARG B 72 32.19 25.74 -35.83
C ARG B 72 32.33 26.18 -37.28
N ARG B 73 31.30 25.97 -38.11
CA ARG B 73 31.31 26.45 -39.49
C ARG B 73 30.98 27.94 -39.56
N ALA B 74 30.02 28.39 -38.74
CA ALA B 74 29.59 29.78 -38.78
C ALA B 74 30.58 30.70 -38.09
N GLU B 75 31.17 30.25 -36.98
CA GLU B 75 32.02 31.09 -36.13
C GLU B 75 33.48 30.64 -36.20
N PRO B 76 34.43 31.57 -36.32
CA PRO B 76 35.85 31.17 -36.38
C PRO B 76 36.46 30.85 -35.03
N ASN B 77 36.04 31.54 -33.97
CA ASN B 77 36.59 31.41 -32.63
C ASN B 77 35.60 30.67 -31.72
N VAL B 78 35.84 29.37 -31.52
CA VAL B 78 34.90 28.53 -30.78
C VAL B 78 35.66 27.65 -29.78
N LEU B 79 35.15 27.58 -28.54
CA LEU B 79 35.65 26.68 -27.51
C LEU B 79 34.53 25.77 -27.05
N LEU B 80 34.83 24.48 -26.93
CA LEU B 80 33.88 23.47 -26.44
C LEU B 80 34.41 22.91 -25.13
N LEU B 81 33.63 23.08 -24.06
CA LEU B 81 34.08 22.77 -22.71
C LEU B 81 33.11 21.83 -22.01
N ASP B 82 33.64 21.03 -21.10
CA ASP B 82 32.85 20.16 -20.23
C ASP B 82 33.15 20.49 -18.78
N ALA B 83 32.10 20.69 -17.98
CA ALA B 83 32.25 21.16 -16.62
C ALA B 83 32.08 20.04 -15.59
N GLY B 84 32.28 18.79 -15.97
CA GLY B 84 32.41 17.70 -15.03
C GLY B 84 31.20 16.78 -15.01
N ASP B 85 31.41 15.61 -14.37
CA ASP B 85 30.36 14.62 -14.11
C ASP B 85 29.88 13.96 -15.39
N GLN B 86 30.83 13.46 -16.19
CA GLN B 86 30.49 12.54 -17.27
C GLN B 86 30.34 11.11 -16.75
N TYR B 87 31.04 10.77 -15.67
CA TYR B 87 30.98 9.44 -15.10
C TYR B 87 29.61 9.16 -14.49
N GLN B 88 29.19 7.89 -14.60
CA GLN B 88 28.05 7.36 -13.84
C GLN B 88 26.72 7.89 -14.36
N GLY B 89 25.75 6.99 -14.54
CA GLY B 89 24.42 7.43 -14.90
C GLY B 89 23.62 6.41 -15.69
N THR B 90 24.29 5.62 -16.52
CA THR B 90 23.62 4.63 -17.35
C THR B 90 24.52 3.41 -17.51
N ILE B 91 23.99 2.39 -18.18
CA ILE B 91 24.73 1.15 -18.36
C ILE B 91 25.99 1.36 -19.18
N TRP B 92 26.07 2.47 -19.93
CA TRP B 92 27.29 2.76 -20.67
C TRP B 92 28.49 2.83 -19.73
N PHE B 93 28.28 3.38 -18.54
CA PHE B 93 29.39 3.52 -17.59
C PHE B 93 29.64 2.25 -16.81
N THR B 94 28.60 1.49 -16.50
CA THR B 94 28.79 0.24 -15.79
C THR B 94 29.70 -0.70 -16.58
N VAL B 95 29.59 -0.68 -17.91
CA VAL B 95 30.30 -1.63 -18.76
C VAL B 95 31.67 -1.08 -19.16
N TYR B 96 31.69 0.08 -19.81
CA TYR B 96 32.94 0.60 -20.37
C TYR B 96 33.76 1.39 -19.36
N LYS B 97 33.15 1.85 -18.26
CA LYS B 97 33.87 2.36 -17.09
C LYS B 97 34.78 3.54 -17.43
N GLY B 98 34.39 4.38 -18.39
CA GLY B 98 35.15 5.58 -18.68
C GLY B 98 35.70 5.66 -20.09
N ALA B 99 36.20 4.54 -20.62
CA ALA B 99 36.76 4.55 -21.97
C ALA B 99 35.79 5.17 -22.97
N GLU B 100 34.48 4.97 -22.78
CA GLU B 100 33.51 5.60 -23.67
C GLU B 100 33.55 7.12 -23.55
N VAL B 101 33.89 7.63 -22.37
CA VAL B 101 34.00 9.08 -22.20
C VAL B 101 35.22 9.60 -22.95
N ALA B 102 36.38 8.97 -22.73
CA ALA B 102 37.57 9.38 -23.44
C ALA B 102 37.35 9.28 -24.95
N HIS B 103 36.75 8.18 -25.40
CA HIS B 103 36.58 7.96 -26.83
C HIS B 103 35.68 9.01 -27.47
N PHE B 104 34.45 9.15 -26.95
CA PHE B 104 33.48 10.03 -27.59
C PHE B 104 33.64 11.50 -27.21
N MET B 105 34.40 11.81 -26.16
CA MET B 105 34.81 13.19 -25.95
C MET B 105 35.95 13.57 -26.89
N ASN B 106 36.79 12.60 -27.25
CA ASN B 106 37.79 12.83 -28.27
C ASN B 106 37.17 13.03 -29.65
N ALA B 107 36.12 12.26 -29.96
CA ALA B 107 35.50 12.33 -31.28
C ALA B 107 34.77 13.65 -31.50
N LEU B 108 34.18 14.23 -30.47
CA LEU B 108 33.61 15.57 -30.57
C LEU B 108 34.66 16.65 -30.40
N ARG B 109 35.91 16.26 -30.09
CA ARG B 109 37.04 17.19 -30.00
C ARG B 109 36.76 18.32 -29.02
N TYR B 110 36.49 17.92 -27.78
CA TYR B 110 36.38 18.87 -26.69
C TYR B 110 37.71 19.62 -26.50
N ASP B 111 37.61 20.87 -26.08
CA ASP B 111 38.80 21.69 -25.89
C ASP B 111 39.31 21.67 -24.46
N ALA B 112 38.49 21.25 -23.50
CA ALA B 112 38.92 21.12 -22.11
C ALA B 112 37.77 20.52 -21.31
N MET B 113 38.11 19.98 -20.16
CA MET B 113 37.13 19.38 -19.26
C MET B 113 37.60 19.62 -17.83
N ALA B 114 36.71 20.18 -17.02
CA ALA B 114 36.95 20.25 -15.58
C ALA B 114 36.55 18.93 -14.94
N LEU B 115 37.20 18.62 -13.81
CA LEU B 115 36.93 17.38 -13.10
C LEU B 115 35.74 17.56 -12.17
N GLY B 116 34.79 16.64 -12.25
CA GLY B 116 33.65 16.62 -11.34
C GLY B 116 33.83 15.55 -10.27
N ASN B 117 32.91 15.56 -9.31
CA ASN B 117 33.03 14.64 -8.19
C ASN B 117 32.87 13.20 -8.64
N HIS B 118 31.86 12.92 -9.45
CA HIS B 118 31.63 11.55 -9.92
C HIS B 118 32.76 11.01 -10.77
N GLU B 119 33.68 11.87 -11.24
CA GLU B 119 34.86 11.36 -11.94
C GLU B 119 35.76 10.54 -11.02
N PHE B 120 35.61 10.68 -9.70
CA PHE B 120 36.36 9.89 -8.74
C PHE B 120 35.55 8.75 -8.13
N ASP B 121 34.38 8.43 -8.70
CA ASP B 121 33.54 7.38 -8.11
C ASP B 121 34.25 6.03 -8.08
N ASN B 122 35.13 5.76 -9.04
CA ASN B 122 35.91 4.53 -9.08
C ASN B 122 37.34 4.73 -8.60
N GLY B 123 37.57 5.70 -7.71
CA GLY B 123 38.91 5.97 -7.21
C GLY B 123 39.79 6.63 -8.25
N VAL B 124 41.00 6.98 -7.81
CA VAL B 124 41.96 7.63 -8.70
C VAL B 124 42.26 6.74 -9.90
N GLU B 125 42.54 5.46 -9.66
CA GLU B 125 42.86 4.56 -10.76
C GLU B 125 41.68 4.38 -11.71
N GLY B 126 40.46 4.48 -11.20
CA GLY B 126 39.29 4.48 -12.06
C GLY B 126 39.16 5.74 -12.89
N LEU B 127 39.99 6.74 -12.61
CA LEU B 127 40.10 7.98 -13.36
C LEU B 127 41.35 8.04 -14.21
N ILE B 128 42.44 7.43 -13.73
CA ILE B 128 43.72 7.51 -14.43
C ILE B 128 43.68 6.65 -15.69
N GLU B 129 43.41 5.34 -15.53
CA GLU B 129 43.55 4.44 -16.66
C GLU B 129 42.47 4.66 -17.72
N PRO B 130 41.17 4.78 -17.36
CA PRO B 130 40.15 4.94 -18.42
C PRO B 130 40.20 6.28 -19.15
N LEU B 131 40.16 7.39 -18.42
CA LEU B 131 39.97 8.71 -19.01
C LEU B 131 41.29 9.48 -19.18
N LEU B 132 42.00 9.75 -18.07
CA LEU B 132 43.13 10.68 -18.13
C LEU B 132 44.19 10.23 -19.11
N LYS B 133 44.58 8.96 -19.06
CA LYS B 133 45.62 8.47 -19.97
C LYS B 133 45.16 8.41 -21.42
N GLU B 134 43.85 8.50 -21.67
CA GLU B 134 43.31 8.37 -23.01
C GLU B 134 42.74 9.67 -23.53
N ALA B 135 42.59 10.69 -22.70
CA ALA B 135 42.03 11.95 -23.16
C ALA B 135 43.08 12.66 -24.02
N LYS B 136 42.63 13.18 -25.16
CA LYS B 136 43.45 14.03 -26.01
C LYS B 136 43.09 15.49 -25.83
N PHE B 137 42.40 15.81 -24.73
CA PHE B 137 42.07 17.17 -24.33
C PHE B 137 42.53 17.38 -22.91
N PRO B 138 42.83 18.62 -22.53
CA PRO B 138 43.30 18.88 -21.17
C PRO B 138 42.17 18.74 -20.16
N ILE B 139 42.44 18.03 -19.07
CA ILE B 139 41.50 17.82 -17.98
C ILE B 139 42.00 18.63 -16.79
N LEU B 140 41.15 19.50 -16.27
CA LEU B 140 41.59 20.60 -15.42
C LEU B 140 40.98 20.52 -14.03
N SER B 141 41.79 20.87 -13.03
CA SER B 141 41.34 21.02 -11.65
C SER B 141 42.47 21.65 -10.84
N ALA B 142 42.31 22.91 -10.44
CA ALA B 142 43.37 23.66 -9.81
C ALA B 142 43.36 23.55 -8.28
N ASN B 143 42.28 23.08 -7.68
CA ASN B 143 42.17 22.97 -6.24
C ASN B 143 42.34 21.53 -5.74
N ILE B 144 42.83 20.63 -6.60
CA ILE B 144 43.19 19.28 -6.20
C ILE B 144 44.70 19.14 -6.26
N LYS B 145 45.31 18.70 -5.16
CA LYS B 145 46.75 18.50 -5.09
C LYS B 145 47.02 17.11 -4.52
N ALA B 146 47.79 16.31 -5.24
CA ALA B 146 48.14 14.95 -4.83
C ALA B 146 49.38 14.97 -3.95
N LYS B 147 49.51 13.91 -3.14
CA LYS B 147 50.62 13.81 -2.21
C LYS B 147 51.03 12.34 -2.09
N GLY B 148 52.28 12.15 -1.68
CA GLY B 148 52.79 10.82 -1.39
C GLY B 148 53.04 9.99 -2.63
N PRO B 149 52.58 8.73 -2.62
CA PRO B 149 52.88 7.84 -3.76
C PRO B 149 52.19 8.26 -5.05
N LEU B 150 51.15 9.09 -4.98
CA LEU B 150 50.35 9.43 -6.14
C LEU B 150 50.92 10.58 -6.97
N ALA B 151 51.77 11.43 -6.37
CA ALA B 151 52.15 12.69 -7.02
C ALA B 151 53.02 12.48 -8.26
N SER B 152 53.79 11.39 -8.31
CA SER B 152 54.53 11.06 -9.52
C SER B 152 53.71 10.23 -10.50
N GLN B 153 52.74 9.46 -10.00
CA GLN B 153 51.90 8.65 -10.87
C GLN B 153 50.87 9.47 -11.63
N ILE B 154 50.55 10.66 -11.14
CA ILE B 154 49.47 11.47 -11.71
C ILE B 154 49.95 12.81 -12.25
N SER B 155 51.22 13.16 -12.06
CA SER B 155 51.70 14.47 -12.47
C SER B 155 51.68 14.58 -14.00
N GLY B 156 50.98 15.59 -14.50
CA GLY B 156 50.87 15.82 -15.93
C GLY B 156 49.63 15.27 -16.58
N LEU B 157 48.87 14.42 -15.88
CA LEU B 157 47.61 13.90 -16.42
C LEU B 157 46.42 14.79 -16.14
N TYR B 158 46.57 15.81 -15.28
CA TYR B 158 45.55 16.83 -15.11
C TYR B 158 46.27 18.09 -14.66
N LEU B 159 45.77 19.24 -15.12
CA LEU B 159 46.47 20.50 -14.91
C LEU B 159 45.59 21.50 -14.17
N PRO B 160 46.19 22.44 -13.44
CA PRO B 160 45.37 23.49 -12.84
C PRO B 160 44.81 24.48 -13.86
N TYR B 161 45.54 24.73 -14.95
CA TYR B 161 45.09 25.59 -16.02
C TYR B 161 45.58 25.03 -17.35
N LYS B 162 45.17 25.69 -18.43
CA LYS B 162 45.70 25.41 -19.76
C LYS B 162 45.47 26.64 -20.63
N VAL B 163 46.54 27.17 -21.22
CA VAL B 163 46.44 28.33 -22.10
C VAL B 163 46.26 27.83 -23.53
N LEU B 164 45.06 27.99 -24.08
CA LEU B 164 44.74 27.45 -25.39
C LEU B 164 44.79 28.53 -26.46
N PRO B 165 45.41 28.28 -27.61
CA PRO B 165 45.34 29.25 -28.71
C PRO B 165 43.97 29.20 -29.35
N VAL B 166 43.40 30.36 -29.60
CA VAL B 166 42.08 30.50 -30.20
C VAL B 166 42.19 31.58 -31.28
N GLY B 167 42.36 31.16 -32.52
CA GLY B 167 42.62 32.14 -33.57
C GLY B 167 44.01 32.69 -33.38
N ASP B 168 44.11 34.01 -33.30
CA ASP B 168 45.38 34.69 -33.06
C ASP B 168 45.54 35.16 -31.62
N GLU B 169 44.62 34.78 -30.74
CA GLU B 169 44.69 35.10 -29.32
C GLU B 169 44.88 33.83 -28.50
N VAL B 170 44.95 33.99 -27.18
CA VAL B 170 45.04 32.87 -26.25
C VAL B 170 44.02 33.09 -25.14
N VAL B 171 43.40 31.99 -24.71
CA VAL B 171 42.43 32.01 -23.62
C VAL B 171 42.92 31.04 -22.55
N GLY B 172 42.96 31.51 -21.31
CA GLY B 172 43.30 30.66 -20.20
C GLY B 172 42.05 30.08 -19.57
N ILE B 173 42.12 28.81 -19.21
CA ILE B 173 41.01 28.09 -18.60
C ILE B 173 41.50 27.39 -17.36
N VAL B 174 40.95 27.77 -16.20
CA VAL B 174 41.36 27.21 -14.91
C VAL B 174 40.28 26.25 -14.44
N GLY B 175 40.70 25.07 -13.99
CA GLY B 175 39.78 24.09 -13.49
C GLY B 175 39.60 24.21 -11.98
N TYR B 176 38.40 23.83 -11.52
CA TYR B 176 38.16 23.68 -10.09
C TYR B 176 37.16 22.56 -9.90
N THR B 177 37.29 21.87 -8.77
CA THR B 177 36.46 20.73 -8.43
C THR B 177 35.90 20.93 -7.03
N SER B 178 34.75 20.32 -6.77
CA SER B 178 34.04 20.55 -5.52
C SER B 178 34.94 20.30 -4.32
N LYS B 179 34.99 21.28 -3.42
CA LYS B 179 35.68 21.12 -2.15
C LYS B 179 35.15 19.92 -1.38
N GLU B 180 33.90 19.55 -1.59
CA GLU B 180 33.23 18.49 -0.82
C GLU B 180 33.42 17.12 -1.44
N THR B 181 34.29 16.98 -2.44
CA THR B 181 34.41 15.70 -3.13
C THR B 181 34.89 14.56 -2.23
N PRO B 182 35.65 14.79 -1.16
CA PRO B 182 35.96 13.67 -0.25
C PRO B 182 34.72 13.06 0.40
N PHE B 183 33.69 13.85 0.67
CA PHE B 183 32.46 13.32 1.27
C PHE B 183 31.49 12.76 0.23
N LEU B 184 31.59 13.20 -1.03
CA LEU B 184 30.63 12.82 -2.06
C LEU B 184 31.05 11.61 -2.87
N SER B 185 32.30 11.14 -2.75
CA SER B 185 32.79 10.15 -3.69
C SER B 185 33.99 9.45 -3.08
N ASN B 186 34.95 9.04 -3.93
CA ASN B 186 36.04 8.15 -3.53
C ASN B 186 37.40 8.65 -4.00
N PRO B 187 37.75 9.91 -3.72
CA PRO B 187 39.04 10.42 -4.20
C PRO B 187 40.25 9.72 -3.59
N GLY B 188 40.14 9.23 -2.36
CA GLY B 188 41.27 8.62 -1.69
C GLY B 188 42.02 9.61 -0.81
N THR B 189 42.83 9.07 0.10
CA THR B 189 43.56 9.87 1.07
C THR B 189 44.77 10.57 0.48
N ASN B 190 45.20 10.19 -0.73
CA ASN B 190 46.33 10.84 -1.40
C ASN B 190 45.89 11.97 -2.31
N LEU B 191 44.75 12.61 -2.02
CA LEU B 191 44.30 13.77 -2.77
C LEU B 191 43.69 14.77 -1.80
N VAL B 192 44.19 16.00 -1.83
CA VAL B 192 43.70 17.08 -0.98
C VAL B 192 42.83 17.99 -1.83
N PHE B 193 41.72 18.44 -1.26
CA PHE B 193 40.78 19.32 -1.95
C PHE B 193 40.75 20.65 -1.19
N GLU B 194 41.29 21.69 -1.82
CA GLU B 194 41.38 23.01 -1.20
C GLU B 194 40.15 23.84 -1.55
N ASP B 195 39.94 24.91 -0.77
CA ASP B 195 38.88 25.85 -1.07
C ASP B 195 39.06 26.39 -2.49
N GLU B 196 37.98 26.33 -3.29
CA GLU B 196 38.06 26.74 -4.68
C GLU B 196 38.64 28.14 -4.82
N ILE B 197 38.06 29.11 -4.11
CA ILE B 197 38.49 30.49 -4.26
C ILE B 197 39.95 30.65 -3.83
N THR B 198 40.35 29.97 -2.76
CA THR B 198 41.74 30.07 -2.31
C THR B 198 42.71 29.53 -3.36
N ALA B 199 42.34 28.45 -4.04
CA ALA B 199 43.27 27.81 -4.97
C ALA B 199 43.26 28.47 -6.34
N LEU B 200 42.12 29.05 -6.75
CA LEU B 200 42.03 29.62 -8.09
C LEU B 200 42.79 30.94 -8.19
N GLN B 201 42.70 31.78 -7.15
CA GLN B 201 43.28 33.12 -7.23
C GLN B 201 44.74 33.13 -7.65
N PRO B 202 45.64 32.36 -7.01
CA PRO B 202 47.04 32.41 -7.46
C PRO B 202 47.23 31.95 -8.90
N GLU B 203 46.48 30.95 -9.33
CA GLU B 203 46.61 30.50 -10.72
C GLU B 203 46.12 31.56 -11.69
N VAL B 204 45.04 32.27 -11.34
CA VAL B 204 44.56 33.35 -12.19
C VAL B 204 45.58 34.49 -12.22
N ASP B 205 46.20 34.77 -11.06
CA ASP B 205 47.24 35.79 -11.04
C ASP B 205 48.45 35.36 -11.85
N LYS B 206 48.73 34.05 -11.86
CA LYS B 206 49.85 33.55 -12.66
C LYS B 206 49.62 33.77 -14.14
N LEU B 207 48.40 33.49 -14.62
CA LEU B 207 48.10 33.68 -16.04
C LEU B 207 48.18 35.15 -16.44
N LYS B 208 47.73 36.05 -15.55
CA LYS B 208 47.81 37.47 -15.87
C LYS B 208 49.26 37.91 -16.05
N THR B 209 50.17 37.44 -15.19
CA THR B 209 51.57 37.79 -15.33
C THR B 209 52.19 37.17 -16.58
N LEU B 210 51.60 36.11 -17.12
CA LEU B 210 51.96 35.59 -18.42
C LEU B 210 51.23 36.31 -19.55
N ASN B 211 50.56 37.42 -19.24
CA ASN B 211 49.88 38.25 -20.24
C ASN B 211 48.76 37.46 -20.91
N VAL B 212 47.93 36.82 -20.09
CA VAL B 212 46.69 36.21 -20.52
C VAL B 212 45.56 37.07 -19.96
N ASN B 213 44.88 37.81 -20.82
CA ASN B 213 43.86 38.76 -20.40
C ASN B 213 42.44 38.24 -20.61
N LYS B 214 42.28 37.03 -21.13
CA LYS B 214 40.99 36.39 -21.27
C LYS B 214 41.08 35.04 -20.55
N ILE B 215 40.32 34.90 -19.46
CA ILE B 215 40.45 33.75 -18.58
C ILE B 215 39.05 33.22 -18.25
N ILE B 216 38.86 31.92 -18.47
CA ILE B 216 37.62 31.23 -18.16
C ILE B 216 37.84 30.34 -16.95
N ALA B 217 36.89 30.35 -16.02
CA ALA B 217 36.86 29.41 -14.91
C ALA B 217 35.89 28.29 -15.26
N LEU B 218 36.40 27.08 -15.37
CA LEU B 218 35.62 25.90 -15.73
C LEU B 218 35.71 24.92 -14.58
N GLY B 219 34.61 24.69 -13.89
CA GLY B 219 34.68 23.83 -12.73
C GLY B 219 33.36 23.22 -12.35
N HIS B 220 33.37 22.62 -11.16
CA HIS B 220 32.29 21.72 -10.77
C HIS B 220 32.11 21.84 -9.26
N SER B 221 31.36 22.86 -8.85
CA SER B 221 31.08 23.09 -7.43
C SER B 221 29.67 23.60 -7.17
N GLY B 222 28.84 23.75 -8.19
CA GLY B 222 27.48 24.20 -8.01
C GLY B 222 27.29 25.68 -8.33
N PHE B 223 26.05 26.03 -8.67
CA PHE B 223 25.72 27.39 -9.08
C PHE B 223 26.10 28.42 -8.01
N GLU B 224 25.89 28.09 -6.75
CA GLU B 224 26.17 29.06 -5.68
C GLU B 224 27.67 29.36 -5.59
N MET B 225 28.51 28.34 -5.65
CA MET B 225 29.96 28.58 -5.66
C MET B 225 30.39 29.25 -6.95
N ASP B 226 29.76 28.90 -8.07
CA ASP B 226 30.06 29.55 -9.33
C ASP B 226 29.88 31.07 -9.22
N LYS B 227 28.79 31.51 -8.60
CA LYS B 227 28.59 32.93 -8.41
C LYS B 227 29.62 33.52 -7.46
N LEU B 228 30.06 32.75 -6.47
CA LEU B 228 31.09 33.24 -5.55
C LEU B 228 32.45 33.28 -6.22
N ILE B 229 32.75 32.28 -7.05
CA ILE B 229 34.00 32.30 -7.80
C ILE B 229 34.04 33.50 -8.73
N ALA B 230 32.89 33.86 -9.30
CA ALA B 230 32.81 35.02 -10.18
C ALA B 230 32.88 36.34 -9.41
N GLN B 231 32.53 36.35 -8.13
CA GLN B 231 32.52 37.57 -7.35
C GLN B 231 33.86 37.90 -6.72
N LYS B 232 34.65 36.88 -6.36
CA LYS B 232 35.80 37.06 -5.50
C LYS B 232 37.15 36.82 -6.17
N VAL B 233 37.19 36.06 -7.27
CA VAL B 233 38.44 35.80 -7.97
C VAL B 233 38.66 36.88 -9.01
N ARG B 234 39.72 37.67 -8.83
CA ARG B 234 40.04 38.76 -9.74
C ARG B 234 40.66 38.21 -11.02
N GLY B 235 40.19 38.70 -12.15
CA GLY B 235 40.73 38.31 -13.44
C GLY B 235 39.95 37.23 -14.15
N VAL B 236 38.94 36.66 -13.50
CA VAL B 236 38.07 35.69 -14.17
C VAL B 236 37.04 36.46 -14.98
N ASP B 237 37.00 36.18 -16.28
CA ASP B 237 36.05 36.85 -17.18
C ASP B 237 34.76 36.09 -17.36
N VAL B 238 34.79 34.76 -17.25
CA VAL B 238 33.61 33.92 -17.38
C VAL B 238 33.75 32.73 -16.43
N VAL B 239 32.63 32.26 -15.91
CA VAL B 239 32.56 31.07 -15.06
C VAL B 239 31.62 30.08 -15.72
N VAL B 240 32.13 28.90 -16.04
CA VAL B 240 31.38 27.85 -16.72
C VAL B 240 31.35 26.66 -15.76
N GLY B 241 30.19 26.40 -15.17
CA GLY B 241 30.09 25.47 -14.06
C GLY B 241 29.11 24.33 -14.23
N GLY B 242 28.76 23.70 -13.11
CA GLY B 242 27.93 22.51 -13.16
C GLY B 242 27.58 22.05 -11.76
N HIS B 243 27.24 20.76 -11.66
CA HIS B 243 27.06 20.07 -10.39
C HIS B 243 25.71 20.27 -9.73
N SER B 244 25.00 21.35 -10.05
CA SER B 244 23.68 21.60 -9.48
C SER B 244 22.58 21.50 -10.54
N ASN B 245 22.92 21.04 -11.74
CA ASN B 245 21.97 20.91 -12.83
C ASN B 245 21.11 22.16 -12.98
N THR B 246 21.76 23.31 -12.94
CA THR B 246 21.07 24.59 -13.03
C THR B 246 20.66 24.87 -14.47
N PHE B 247 19.41 25.24 -14.66
CA PHE B 247 18.90 25.65 -15.96
C PHE B 247 18.69 27.16 -15.94
N LEU B 248 19.40 27.86 -16.81
CA LEU B 248 19.23 29.29 -17.02
C LEU B 248 18.70 29.52 -18.43
N TYR B 249 17.79 30.47 -18.58
CA TYR B 249 17.27 30.82 -19.89
C TYR B 249 16.82 32.27 -19.89
N THR B 250 16.99 32.92 -21.03
CA THR B 250 16.53 34.30 -21.24
C THR B 250 15.38 34.25 -22.24
N GLY B 251 14.16 34.48 -21.75
CA GLY B 251 13.00 34.43 -22.61
C GLY B 251 12.09 33.27 -22.28
N ASN B 252 11.43 32.72 -23.31
CA ASN B 252 10.50 31.63 -23.13
C ASN B 252 11.19 30.30 -23.36
N PRO B 253 11.25 29.41 -22.37
CA PRO B 253 12.09 28.20 -22.49
C PRO B 253 11.49 27.18 -23.43
N PRO B 254 12.31 26.31 -24.02
CA PRO B 254 11.81 25.37 -25.03
C PRO B 254 11.26 24.05 -24.53
N SER B 255 11.45 23.69 -23.26
CA SER B 255 11.04 22.37 -22.79
C SER B 255 10.48 22.51 -21.37
N LYS B 256 10.44 21.39 -20.64
CA LYS B 256 9.78 21.37 -19.34
C LYS B 256 10.60 22.13 -18.30
N GLU B 257 11.93 22.04 -18.38
CA GLU B 257 12.80 22.60 -17.35
C GLU B 257 12.46 24.06 -17.06
N VAL B 258 12.36 24.40 -15.78
CA VAL B 258 12.07 25.77 -15.35
C VAL B 258 13.37 26.53 -15.12
N PRO B 259 13.52 27.74 -15.62
CA PRO B 259 14.79 28.45 -15.43
C PRO B 259 14.95 28.99 -14.02
N ALA B 260 16.17 28.87 -13.49
CA ALA B 260 16.54 29.46 -12.22
C ALA B 260 16.98 30.92 -12.36
N GLY B 261 17.10 31.41 -13.59
CA GLY B 261 17.52 32.76 -13.83
C GLY B 261 17.80 32.97 -15.30
N LYS B 262 18.22 34.17 -15.64
CA LYS B 262 18.53 34.50 -17.01
C LYS B 262 19.86 33.87 -17.43
N TYR B 263 20.06 33.79 -18.74
CA TYR B 263 21.29 33.26 -19.32
C TYR B 263 21.98 34.36 -20.13
N PRO B 264 23.19 34.77 -19.77
CA PRO B 264 23.99 34.33 -18.62
C PRO B 264 23.54 34.99 -17.33
N PHE B 265 23.72 34.36 -16.17
CA PHE B 265 23.53 35.06 -14.91
C PHE B 265 24.72 35.99 -14.69
N ILE B 266 24.45 37.27 -14.50
CA ILE B 266 25.49 38.27 -14.40
C ILE B 266 25.82 38.49 -12.92
N VAL B 267 27.09 38.32 -12.57
CA VAL B 267 27.61 38.63 -11.24
C VAL B 267 28.49 39.85 -11.34
N THR B 268 28.31 40.79 -10.42
CA THR B 268 29.19 41.96 -10.33
C THR B 268 30.30 41.60 -9.35
N SER B 269 31.53 41.53 -9.85
CA SER B 269 32.66 41.19 -9.01
C SER B 269 32.90 42.31 -7.99
N ASP B 270 33.71 41.99 -6.99
CA ASP B 270 34.05 43.01 -5.99
C ASP B 270 34.89 44.12 -6.60
N ASP B 271 35.63 43.83 -7.67
CA ASP B 271 36.47 44.82 -8.33
C ASP B 271 35.77 45.51 -9.52
N GLY B 272 34.48 45.27 -9.72
CA GLY B 272 33.67 46.13 -10.57
C GLY B 272 33.31 45.65 -11.95
N ARG B 273 33.60 44.40 -12.29
CA ARG B 273 33.33 43.86 -13.63
C ARG B 273 32.03 43.07 -13.66
N LYS B 274 31.40 43.02 -14.84
CA LYS B 274 30.21 42.22 -15.07
C LYS B 274 30.64 40.85 -15.58
N VAL B 275 30.39 39.81 -14.80
CA VAL B 275 30.97 38.49 -15.04
C VAL B 275 29.86 37.49 -15.34
N PRO B 276 29.75 36.98 -16.56
CA PRO B 276 28.69 36.01 -16.85
C PRO B 276 28.98 34.65 -16.23
N VAL B 277 27.92 34.02 -15.70
CA VAL B 277 27.99 32.71 -15.07
C VAL B 277 26.95 31.82 -15.73
N VAL B 278 27.38 30.66 -16.24
CA VAL B 278 26.52 29.83 -17.08
C VAL B 278 26.56 28.38 -16.63
N GLN B 279 25.46 27.68 -16.93
CA GLN B 279 25.32 26.25 -16.72
C GLN B 279 24.18 25.79 -17.61
N ALA B 280 24.22 24.51 -18.02
CA ALA B 280 23.29 23.98 -19.02
C ALA B 280 22.64 22.69 -18.52
N TYR B 281 21.71 22.82 -17.56
CA TYR B 281 20.92 21.71 -17.04
C TYR B 281 21.79 20.47 -16.86
N ALA B 282 21.48 19.37 -17.53
CA ALA B 282 22.23 18.13 -17.34
C ALA B 282 21.84 17.15 -18.44
N PHE B 283 22.46 15.97 -18.39
CA PHE B 283 22.06 14.80 -19.18
C PHE B 283 22.19 15.01 -20.68
N GLY B 284 22.90 16.05 -21.12
CA GLY B 284 23.08 16.26 -22.53
C GLY B 284 21.90 16.82 -23.27
N LYS B 285 20.84 17.20 -22.55
CA LYS B 285 19.63 17.70 -23.21
C LYS B 285 19.91 19.01 -23.94
N TYR B 286 20.72 19.88 -23.35
CA TYR B 286 21.01 21.20 -23.88
C TYR B 286 22.50 21.34 -24.18
N LEU B 287 22.82 22.22 -25.12
CA LEU B 287 24.19 22.63 -25.38
C LEU B 287 24.30 24.12 -25.03
N GLY B 288 25.07 24.42 -23.99
CA GLY B 288 25.26 25.82 -23.62
C GLY B 288 25.92 26.59 -24.74
N TYR B 289 25.46 27.82 -24.95
CA TYR B 289 25.92 28.65 -26.07
C TYR B 289 26.03 30.08 -25.58
N LEU B 290 27.26 30.54 -25.36
CA LEU B 290 27.53 31.89 -24.88
C LEU B 290 28.48 32.59 -25.83
N LYS B 291 28.10 33.80 -26.26
CA LYS B 291 28.95 34.66 -27.07
C LYS B 291 29.45 35.80 -26.22
N ILE B 292 30.76 36.05 -26.26
CA ILE B 292 31.41 37.08 -25.48
C ILE B 292 32.14 38.02 -26.43
N GLU B 293 31.91 39.32 -26.29
CA GLU B 293 32.64 40.34 -27.05
C GLU B 293 33.76 40.88 -26.18
N PHE B 294 34.99 40.61 -26.56
CA PHE B 294 36.17 41.13 -25.88
C PHE B 294 36.74 42.30 -26.67
N ASP B 295 37.29 43.28 -25.93
CA ASP B 295 38.06 44.33 -26.55
C ASP B 295 39.51 43.85 -26.69
N GLU B 296 40.40 44.74 -27.11
CA GLU B 296 41.79 44.35 -27.37
C GLU B 296 42.53 43.92 -26.11
N ARG B 297 42.06 44.30 -24.92
CA ARG B 297 42.78 44.06 -23.68
C ARG B 297 42.12 43.03 -22.76
N GLY B 298 41.16 42.26 -23.27
CA GLY B 298 40.54 41.22 -22.47
C GLY B 298 39.38 41.66 -21.59
N ASN B 299 38.86 42.87 -21.78
CA ASN B 299 37.66 43.30 -21.08
C ASN B 299 36.43 42.76 -21.81
N VAL B 300 35.40 42.45 -21.03
CA VAL B 300 34.14 41.93 -21.56
C VAL B 300 33.25 43.11 -21.91
N ILE B 301 32.99 43.31 -23.20
CA ILE B 301 32.10 44.37 -23.65
C ILE B 301 30.65 43.94 -23.48
N SER B 302 30.32 42.70 -23.83
CA SER B 302 28.95 42.22 -23.83
C SER B 302 28.94 40.70 -23.79
N SER B 303 27.84 40.13 -23.30
CA SER B 303 27.68 38.69 -23.23
C SER B 303 26.21 38.34 -23.40
N HIS B 304 25.91 37.46 -24.36
CA HIS B 304 24.54 37.03 -24.60
C HIS B 304 24.56 35.60 -25.13
N GLY B 305 23.44 34.90 -24.95
CA GLY B 305 23.33 33.55 -25.48
C GLY B 305 22.14 32.83 -24.88
N ASN B 306 22.16 31.51 -25.02
CA ASN B 306 21.14 30.65 -24.42
C ASN B 306 21.49 29.18 -24.65
N PRO B 307 21.00 28.27 -23.81
CA PRO B 307 21.20 26.84 -24.10
C PRO B 307 20.33 26.37 -25.26
N ILE B 308 20.87 25.45 -26.05
CA ILE B 308 20.24 24.97 -27.27
C ILE B 308 19.63 23.60 -26.99
N LEU B 309 18.33 23.48 -27.18
CA LEU B 309 17.67 22.20 -26.97
C LEU B 309 18.04 21.25 -28.11
N LEU B 310 18.66 20.13 -27.78
CA LEU B 310 19.09 19.16 -28.78
C LEU B 310 17.93 18.18 -29.01
N ASP B 311 16.98 18.60 -29.84
CA ASP B 311 15.78 17.83 -30.12
C ASP B 311 15.94 17.09 -31.45
N SER B 312 14.85 16.46 -31.89
CA SER B 312 14.90 15.57 -33.04
C SER B 312 15.12 16.32 -34.35
N SER B 313 14.93 17.64 -34.38
CA SER B 313 15.15 18.40 -35.61
C SER B 313 16.61 18.34 -36.02
N ILE B 314 17.52 18.34 -35.05
CA ILE B 314 18.95 18.26 -35.31
C ILE B 314 19.31 16.80 -35.59
N PRO B 315 19.69 16.45 -36.82
CA PRO B 315 20.00 15.04 -37.11
C PRO B 315 21.20 14.55 -36.31
N GLU B 316 21.19 13.25 -36.02
CA GLU B 316 22.35 12.60 -35.43
C GLU B 316 23.43 12.40 -36.48
N ASP B 317 24.68 12.68 -36.11
CA ASP B 317 25.78 12.50 -37.05
C ASP B 317 25.93 11.02 -37.37
N PRO B 318 25.86 10.60 -38.63
CA PRO B 318 25.97 9.17 -38.92
C PRO B 318 27.24 8.52 -38.41
N SER B 319 28.39 9.20 -38.51
CA SER B 319 29.65 8.57 -38.15
C SER B 319 29.76 8.30 -36.66
N ILE B 320 29.32 9.26 -35.84
CA ILE B 320 29.30 9.03 -34.39
C ILE B 320 28.25 7.97 -34.06
N LYS B 321 27.09 8.03 -34.71
CA LYS B 321 26.02 7.07 -34.43
C LYS B 321 26.45 5.65 -34.75
N ALA B 322 27.21 5.47 -35.84
CA ALA B 322 27.72 4.15 -36.17
C ALA B 322 28.72 3.66 -35.13
N ASP B 323 29.63 4.54 -34.69
CA ASP B 323 30.54 4.19 -33.61
C ASP B 323 29.77 3.96 -32.31
N ILE B 324 28.69 4.71 -32.11
CA ILE B 324 27.82 4.47 -30.96
C ILE B 324 27.22 3.07 -31.05
N ASN B 325 26.68 2.72 -32.22
CA ASN B 325 26.07 1.40 -32.37
C ASN B 325 27.12 0.29 -32.35
N LYS B 326 28.33 0.57 -32.83
CA LYS B 326 29.41 -0.40 -32.70
C LYS B 326 29.66 -0.75 -31.23
N TRP B 327 29.55 0.25 -30.35
CA TRP B 327 29.72 0.03 -28.92
C TRP B 327 28.46 -0.46 -28.24
N ARG B 328 27.29 -0.31 -28.89
CA ARG B 328 26.03 -0.69 -28.26
C ARG B 328 25.81 -2.20 -28.24
N ILE B 329 26.56 -2.96 -29.04
CA ILE B 329 26.35 -4.40 -29.10
C ILE B 329 26.75 -5.06 -27.78
N LYS B 330 27.72 -4.48 -27.07
CA LYS B 330 28.11 -5.03 -25.78
C LYS B 330 27.03 -4.81 -24.72
N LEU B 331 26.27 -3.73 -24.85
CA LEU B 331 25.28 -3.35 -23.84
C LEU B 331 23.93 -4.03 -24.04
N ASP B 332 23.65 -4.55 -25.23
CA ASP B 332 22.35 -5.16 -25.48
C ASP B 332 22.12 -6.44 -24.67
N ASP B 333 23.13 -6.92 -23.96
CA ASP B 333 22.96 -8.07 -23.06
C ASP B 333 22.29 -7.70 -21.75
N TYR B 334 22.01 -6.41 -21.52
CA TYR B 334 21.32 -5.95 -20.32
C TYR B 334 19.87 -5.59 -20.57
N SER B 335 19.39 -5.70 -21.80
CA SER B 335 17.97 -5.55 -22.12
C SER B 335 17.36 -6.85 -22.63
N THR B 336 18.11 -7.95 -22.60
CA THR B 336 17.58 -9.22 -23.10
C THR B 336 16.52 -9.79 -22.16
N GLN B 337 16.77 -9.77 -20.87
CA GLN B 337 15.92 -10.43 -19.89
C GLN B 337 14.95 -9.42 -19.30
N GLU B 338 13.66 -9.70 -19.40
CA GLU B 338 12.62 -8.84 -18.86
C GLU B 338 12.36 -9.24 -17.41
N LEU B 339 12.57 -8.30 -16.49
CA LEU B 339 12.38 -8.58 -15.07
C LEU B 339 10.91 -8.45 -14.67
N GLY B 340 10.16 -7.63 -15.39
CA GLY B 340 8.77 -7.39 -15.04
C GLY B 340 8.18 -6.35 -15.96
N LYS B 341 6.98 -5.91 -15.61
CA LYS B 341 6.27 -4.88 -16.35
C LYS B 341 5.75 -3.83 -15.38
N THR B 342 5.50 -2.64 -15.90
CA THR B 342 4.89 -1.57 -15.13
C THR B 342 3.83 -0.89 -15.98
N ILE B 343 2.68 -0.59 -15.35
CA ILE B 343 1.56 0.05 -16.03
C ILE B 343 1.38 1.49 -15.55
N VAL B 344 2.28 1.99 -14.72
CA VAL B 344 2.31 3.39 -14.33
C VAL B 344 3.67 3.98 -14.71
N TYR B 345 3.70 5.30 -14.84
CA TYR B 345 4.95 6.00 -15.03
C TYR B 345 5.72 6.01 -13.71
N LEU B 346 6.89 5.38 -13.69
CA LEU B 346 7.72 5.33 -12.50
C LEU B 346 8.51 6.63 -12.43
N ASP B 347 7.94 7.62 -11.74
CA ASP B 347 8.50 8.97 -11.72
C ASP B 347 9.69 9.01 -10.77
N GLY B 348 10.89 8.94 -11.33
CA GLY B 348 12.11 9.13 -10.58
C GLY B 348 12.78 10.43 -10.97
N SER B 349 11.97 11.42 -11.35
CA SER B 349 12.47 12.73 -11.72
C SER B 349 12.81 13.53 -10.46
N SER B 350 13.78 14.43 -10.60
CA SER B 350 14.23 15.21 -9.45
C SER B 350 13.18 16.20 -8.99
N GLN B 351 12.42 16.78 -9.93
CA GLN B 351 11.41 17.76 -9.57
C GLN B 351 10.27 17.16 -8.74
N SER B 352 10.05 15.85 -8.84
CA SER B 352 9.08 15.17 -8.00
C SER B 352 9.77 14.58 -6.77
N CYS B 353 10.74 13.71 -6.99
CA CYS B 353 11.33 12.93 -5.91
C CYS B 353 12.17 13.76 -4.95
N ARG B 354 12.45 15.04 -5.27
CA ARG B 354 13.16 15.93 -4.35
C ARG B 354 12.26 17.01 -3.78
N PHE B 355 10.95 16.97 -4.05
CA PHE B 355 10.03 18.00 -3.57
C PHE B 355 8.82 17.39 -2.88
N ARG B 356 8.37 16.24 -3.37
CA ARG B 356 7.13 15.64 -2.92
C ARG B 356 7.29 14.13 -2.99
N GLU B 357 6.31 13.43 -2.42
CA GLU B 357 6.25 11.98 -2.58
C GLU B 357 6.20 11.64 -4.06
N CYS B 358 7.02 10.67 -4.48
CA CYS B 358 7.03 10.18 -5.84
C CYS B 358 6.92 8.67 -5.80
N ASN B 359 6.23 8.10 -6.79
CA ASN B 359 5.92 6.68 -6.75
C ASN B 359 7.14 5.80 -7.00
N MET B 360 8.21 6.34 -7.59
CA MET B 360 9.45 5.59 -7.66
C MET B 360 10.05 5.40 -6.28
N GLY B 361 9.92 6.41 -5.40
CA GLY B 361 10.41 6.26 -4.04
C GLY B 361 9.67 5.22 -3.24
N ASN B 362 8.34 5.20 -3.35
CA ASN B 362 7.56 4.20 -2.63
C ASN B 362 7.89 2.79 -3.11
N LEU B 363 8.07 2.64 -4.43
CA LEU B 363 8.48 1.34 -4.95
C LEU B 363 9.78 0.87 -4.31
N ILE B 364 10.81 1.72 -4.35
CA ILE B 364 12.12 1.31 -3.85
C ILE B 364 12.04 0.99 -2.37
N CYS B 365 11.26 1.77 -1.61
CA CYS B 365 11.12 1.49 -0.18
C CYS B 365 10.31 0.23 0.06
N ASP B 366 9.25 -0.01 -0.74
CA ASP B 366 8.46 -1.22 -0.55
C ASP B 366 9.29 -2.47 -0.77
N ALA B 367 10.19 -2.43 -1.75
CA ALA B 367 11.07 -3.57 -2.01
C ALA B 367 12.09 -3.75 -0.90
N MET B 368 12.54 -2.65 -0.29
CA MET B 368 13.48 -2.75 0.82
C MET B 368 12.86 -3.48 2.01
N ILE B 369 11.63 -3.14 2.36
CA ILE B 369 10.96 -3.81 3.46
C ILE B 369 10.64 -5.26 3.10
N ASN B 370 10.27 -5.50 1.83
CA ASN B 370 9.94 -6.86 1.41
C ASN B 370 11.14 -7.79 1.49
N ASN B 371 12.36 -7.23 1.49
CA ASN B 371 13.57 -8.05 1.49
C ASN B 371 14.02 -8.45 2.89
N ASN B 372 13.74 -7.63 3.90
CA ASN B 372 14.13 -7.92 5.27
C ASN B 372 13.02 -8.60 6.05
N LEU B 373 12.26 -9.46 5.40
CA LEU B 373 11.24 -10.26 6.07
C LEU B 373 11.87 -11.56 6.53
N ARG B 374 11.97 -11.74 7.85
CA ARG B 374 12.56 -12.94 8.42
C ARG B 374 11.82 -13.24 9.72
N HIS B 375 11.63 -14.53 10.00
CA HIS B 375 11.01 -14.95 11.25
C HIS B 375 11.70 -14.28 12.43
N THR B 376 10.91 -13.92 13.44
CA THR B 376 11.39 -13.22 14.62
C THR B 376 10.57 -13.69 15.81
N ASP B 377 10.82 -13.09 16.98
CA ASP B 377 10.03 -13.40 18.16
C ASP B 377 8.54 -13.36 17.82
N GLU B 378 7.76 -14.20 18.52
CA GLU B 378 6.35 -14.33 18.22
C GLU B 378 5.50 -13.14 18.65
N MET B 379 6.08 -12.15 19.32
CA MET B 379 5.39 -10.90 19.65
C MET B 379 5.74 -9.78 18.66
N PHE B 380 5.90 -10.17 17.40
CA PHE B 380 6.29 -9.25 16.34
C PHE B 380 5.79 -9.82 15.03
N TRP B 381 5.54 -8.95 14.06
CA TRP B 381 5.24 -9.41 12.70
C TRP B 381 6.47 -9.37 11.81
N ASN B 382 7.40 -8.47 12.09
CA ASN B 382 8.73 -8.48 11.50
C ASN B 382 9.57 -7.43 12.22
N HIS B 383 10.89 -7.65 12.19
CA HIS B 383 11.79 -6.79 12.94
C HIS B 383 11.82 -5.37 12.37
N VAL B 384 11.60 -5.19 11.08
CA VAL B 384 11.70 -3.88 10.43
C VAL B 384 10.44 -3.59 9.64
N SER B 385 9.86 -2.40 9.85
CA SER B 385 8.65 -1.97 9.16
C SER B 385 8.83 -0.65 8.42
N MET B 386 9.97 0.02 8.56
CA MET B 386 10.17 1.37 8.07
C MET B 386 11.32 1.43 7.06
N CYS B 387 11.32 2.51 6.28
CA CYS B 387 12.33 2.74 5.25
C CYS B 387 12.48 4.24 5.04
N ILE B 388 13.72 4.69 4.88
CA ILE B 388 13.98 6.06 4.42
C ILE B 388 14.97 5.99 3.27
N LEU B 389 14.90 6.98 2.39
CA LEU B 389 15.62 6.93 1.12
C LEU B 389 15.83 8.36 0.64
N ASN B 390 17.09 8.76 0.48
CA ASN B 390 17.43 10.09 -0.01
C ASN B 390 16.96 10.23 -1.45
N GLY B 391 16.14 11.25 -1.72
CA GLY B 391 15.58 11.40 -3.06
C GLY B 391 16.63 11.50 -4.14
N GLY B 392 17.74 12.19 -3.85
CA GLY B 392 18.79 12.37 -4.84
C GLY B 392 19.40 11.07 -5.32
N GLY B 393 19.25 9.99 -4.56
CA GLY B 393 19.74 8.69 -4.98
C GLY B 393 18.90 8.02 -6.05
N ILE B 394 17.72 8.54 -6.31
CA ILE B 394 16.89 8.10 -7.43
C ILE B 394 17.34 8.92 -8.65
N ARG B 395 18.05 8.26 -9.58
CA ARG B 395 18.82 8.96 -10.60
C ARG B 395 18.19 8.95 -11.98
N SER B 396 17.01 8.37 -12.14
CA SER B 396 16.36 8.36 -13.44
C SER B 396 14.94 7.83 -13.31
N PRO B 397 13.99 8.34 -14.09
CA PRO B 397 12.67 7.71 -14.17
C PRO B 397 12.72 6.48 -15.06
N ILE B 398 11.59 5.78 -15.14
CA ILE B 398 11.42 4.64 -16.02
C ILE B 398 10.08 4.81 -16.72
N ASP B 399 10.11 5.00 -18.03
CA ASP B 399 8.88 5.16 -18.80
C ASP B 399 8.22 3.81 -18.97
N GLU B 400 6.90 3.83 -19.15
CA GLU B 400 6.12 2.61 -19.26
C GLU B 400 5.57 2.41 -20.66
N ARG B 401 5.78 3.35 -21.58
CA ARG B 401 5.13 3.28 -22.88
C ARG B 401 5.73 2.20 -23.78
N ASN B 402 6.87 1.63 -23.41
CA ASN B 402 7.42 0.49 -24.14
C ASN B 402 6.73 -0.81 -23.72
N ASP B 403 5.40 -0.77 -23.62
CA ASP B 403 4.63 -1.82 -22.94
C ASP B 403 5.23 -2.14 -21.58
N GLY B 404 5.89 -1.15 -20.98
CA GLY B 404 6.24 -1.17 -19.57
C GLY B 404 7.33 -2.15 -19.18
N THR B 405 7.97 -2.79 -20.14
CA THR B 405 9.02 -3.76 -19.81
C THR B 405 10.10 -3.09 -18.97
N ILE B 406 10.55 -3.80 -17.94
CA ILE B 406 11.63 -3.34 -17.07
C ILE B 406 12.78 -4.33 -17.20
N THR B 407 13.90 -3.86 -17.76
CA THR B 407 15.12 -4.62 -17.89
C THR B 407 16.16 -4.08 -16.92
N TRP B 408 17.33 -4.73 -16.92
CA TRP B 408 18.43 -4.27 -16.08
C TRP B 408 18.92 -2.89 -16.50
N GLU B 409 18.99 -2.64 -17.82
CA GLU B 409 19.44 -1.34 -18.31
C GLU B 409 18.63 -0.20 -17.71
N ASN B 410 17.30 -0.32 -17.73
CA ASN B 410 16.44 0.69 -17.13
C ASN B 410 16.77 0.89 -15.65
N LEU B 411 16.99 -0.20 -14.92
CA LEU B 411 17.21 -0.08 -13.48
C LEU B 411 18.58 0.52 -13.18
N ALA B 412 19.60 0.17 -13.96
CA ALA B 412 20.93 0.73 -13.73
C ALA B 412 20.95 2.24 -13.91
N ALA B 413 19.98 2.79 -14.64
CA ALA B 413 19.86 4.24 -14.74
C ALA B 413 19.21 4.83 -13.50
N VAL B 414 18.32 4.08 -12.84
CA VAL B 414 17.68 4.56 -11.62
C VAL B 414 18.65 4.44 -10.44
N LEU B 415 19.35 3.32 -10.33
CA LEU B 415 20.29 3.05 -9.24
C LEU B 415 21.64 2.74 -9.86
N PRO B 416 22.36 3.76 -10.34
CA PRO B 416 23.64 3.51 -11.01
C PRO B 416 24.81 3.24 -10.08
N PHE B 417 24.72 3.67 -8.81
CA PHE B 417 25.88 3.68 -7.93
C PHE B 417 26.29 2.30 -7.42
N GLY B 418 25.36 1.35 -7.37
CA GLY B 418 25.70 0.03 -6.84
C GLY B 418 25.89 0.01 -5.35
N GLY B 419 25.24 0.89 -4.61
CA GLY B 419 25.23 0.81 -3.17
C GLY B 419 24.41 -0.37 -2.68
N THR B 420 24.25 -0.43 -1.37
CA THR B 420 23.48 -1.47 -0.71
C THR B 420 22.38 -0.85 0.14
N PHE B 421 21.46 -1.71 0.59
CA PHE B 421 20.36 -1.31 1.47
C PHE B 421 20.59 -1.95 2.84
N ASP B 422 20.93 -1.13 3.82
CA ASP B 422 21.36 -1.61 5.13
C ASP B 422 20.27 -1.46 6.17
N LEU B 423 20.37 -2.27 7.22
CA LEU B 423 19.51 -2.19 8.39
C LEU B 423 20.25 -1.41 9.47
N VAL B 424 19.63 -0.36 9.99
CA VAL B 424 20.20 0.49 11.02
C VAL B 424 19.24 0.53 12.20
N GLN B 425 19.69 1.15 13.29
CA GLN B 425 18.87 1.26 14.50
C GLN B 425 19.11 2.65 15.10
N LEU B 426 18.03 3.41 15.28
CA LEU B 426 18.10 4.82 15.63
C LEU B 426 17.06 5.15 16.68
N LYS B 427 17.33 6.22 17.44
CA LYS B 427 16.37 6.74 18.40
C LYS B 427 15.35 7.61 17.69
N GLY B 428 14.12 7.59 18.20
CA GLY B 428 13.06 8.44 17.70
C GLY B 428 13.52 9.87 17.48
N SER B 429 14.34 10.38 18.40
CA SER B 429 14.88 11.73 18.25
C SER B 429 15.84 11.80 17.06
N THR B 430 16.65 10.76 16.87
CA THR B 430 17.53 10.72 15.71
C THR B 430 16.73 10.82 14.43
N LEU B 431 15.63 10.06 14.34
CA LEU B 431 14.79 10.10 13.15
C LEU B 431 14.05 11.44 13.03
N LYS B 432 13.57 11.98 14.16
CA LYS B 432 12.91 13.28 14.12
C LYS B 432 13.85 14.34 13.59
N LYS B 433 15.13 14.24 13.92
CA LYS B 433 16.12 15.19 13.42
C LYS B 433 16.37 14.99 11.93
N ALA B 434 16.34 13.74 11.47
CA ALA B 434 16.57 13.47 10.06
C ALA B 434 15.47 14.05 9.17
N PHE B 435 14.21 14.04 9.65
CA PHE B 435 13.13 14.57 8.85
C PHE B 435 13.06 16.09 8.90
N GLU B 436 13.54 16.70 9.98
CA GLU B 436 13.74 18.15 9.97
C GLU B 436 14.84 18.52 8.98
N HIS B 437 15.89 17.69 8.92
CA HIS B 437 16.94 17.88 7.94
C HIS B 437 16.44 17.64 6.52
N SER B 438 15.49 16.71 6.35
CA SER B 438 14.95 16.42 5.02
C SER B 438 14.35 17.64 4.35
N VAL B 439 13.84 18.60 5.14
CA VAL B 439 13.15 19.75 4.59
C VAL B 439 13.72 21.03 5.18
N HIS B 440 14.95 20.98 5.68
CA HIS B 440 15.49 22.15 6.37
C HIS B 440 15.86 23.27 5.40
N ARG B 441 16.08 22.95 4.13
CA ARG B 441 16.26 23.95 3.09
C ARG B 441 15.42 23.59 1.86
N TYR B 442 14.18 23.15 2.10
CA TYR B 442 13.33 22.69 1.02
C TYR B 442 13.20 23.76 -0.05
N GLY B 443 13.25 23.33 -1.31
CA GLY B 443 13.03 24.21 -2.45
C GLY B 443 14.20 24.34 -3.42
N GLN B 444 15.41 23.89 -3.07
CA GLN B 444 16.58 24.07 -3.92
C GLN B 444 16.98 22.80 -4.67
N SER B 445 16.07 21.82 -4.75
CA SER B 445 16.33 20.57 -5.47
C SER B 445 17.57 19.86 -4.91
N THR B 446 17.63 19.75 -3.59
CA THR B 446 18.70 19.05 -2.90
C THR B 446 18.26 17.63 -2.58
N GLY B 447 19.24 16.72 -2.51
CA GLY B 447 18.99 15.30 -2.43
C GLY B 447 18.46 14.79 -1.11
N GLU B 448 18.51 15.57 -0.03
CA GLU B 448 18.24 15.02 1.29
C GLU B 448 16.75 14.83 1.58
N PHE B 449 15.85 15.38 0.78
CA PHE B 449 14.42 15.09 0.94
C PHE B 449 14.20 13.58 0.88
N LEU B 450 13.49 13.05 1.87
CA LEU B 450 13.40 11.61 2.08
C LEU B 450 12.13 11.03 1.48
N GLN B 451 12.29 9.95 0.71
CA GLN B 451 11.19 9.07 0.37
C GLN B 451 11.10 7.96 1.41
N VAL B 452 9.89 7.48 1.65
CA VAL B 452 9.59 6.71 2.86
C VAL B 452 8.69 5.51 2.59
N GLY B 453 8.72 4.58 3.54
CA GLY B 453 7.83 3.43 3.59
C GLY B 453 7.57 3.03 5.03
N GLY B 454 6.33 2.69 5.37
CA GLY B 454 6.00 2.44 6.76
C GLY B 454 6.04 3.66 7.63
N ILE B 455 6.01 4.85 7.02
CA ILE B 455 6.08 6.12 7.73
C ILE B 455 5.10 7.09 7.10
N HIS B 456 4.39 7.85 7.92
CA HIS B 456 3.51 8.93 7.48
C HIS B 456 4.00 10.22 8.11
N VAL B 457 4.69 11.05 7.34
CA VAL B 457 5.20 12.33 7.80
C VAL B 457 4.37 13.45 7.18
N VAL B 458 4.21 14.53 7.95
CA VAL B 458 3.54 15.75 7.49
C VAL B 458 4.45 16.93 7.79
N TYR B 459 4.76 17.73 6.76
CA TYR B 459 5.64 18.88 6.90
C TYR B 459 4.83 20.17 6.98
N ASP B 460 5.48 21.23 7.48
CA ASP B 460 4.92 22.57 7.46
C ASP B 460 6.07 23.53 7.18
N LEU B 461 6.17 23.98 5.93
CA LEU B 461 7.32 24.76 5.48
C LEU B 461 7.26 26.20 5.97
N SER B 462 6.08 26.72 6.29
CA SER B 462 5.99 28.05 6.88
C SER B 462 6.80 28.13 8.16
N ARG B 463 6.77 27.08 8.98
CA ARG B 463 7.52 27.07 10.21
C ARG B 463 9.02 27.15 9.94
N LYS B 464 9.77 27.47 11.00
CA LYS B 464 11.20 27.69 10.85
C LYS B 464 11.96 26.37 10.72
N PRO B 465 13.04 26.34 9.95
CA PRO B 465 13.84 25.12 9.82
C PRO B 465 14.15 24.48 11.17
N GLY B 466 14.13 23.15 11.20
CA GLY B 466 14.27 22.42 12.44
C GLY B 466 12.99 22.28 13.22
N ASP B 467 11.90 22.91 12.76
CA ASP B 467 10.63 22.93 13.45
C ASP B 467 9.51 22.86 12.43
N ARG B 468 9.65 21.98 11.44
CA ARG B 468 8.73 21.87 10.32
C ARG B 468 8.03 20.52 10.21
N VAL B 469 8.47 19.52 10.98
CA VAL B 469 7.77 18.23 11.04
C VAL B 469 6.64 18.37 12.04
N VAL B 470 5.41 18.54 11.55
CA VAL B 470 4.26 18.69 12.44
C VAL B 470 3.63 17.35 12.85
N LYS B 471 3.83 16.30 12.06
CA LYS B 471 3.29 14.99 12.38
C LYS B 471 4.26 13.93 11.86
N LEU B 472 4.36 12.83 12.60
CA LEU B 472 5.26 11.73 12.23
C LEU B 472 4.71 10.45 12.85
N ASP B 473 4.05 9.64 12.03
CA ASP B 473 3.49 8.37 12.45
C ASP B 473 4.28 7.24 11.78
N VAL B 474 4.42 6.12 12.49
CA VAL B 474 5.28 5.04 12.04
C VAL B 474 4.55 3.71 12.21
N LEU B 475 4.97 2.74 11.39
CA LEU B 475 4.32 1.42 11.34
C LEU B 475 4.87 0.54 12.46
N CYS B 476 3.98 0.03 13.32
CA CYS B 476 4.41 -0.70 14.50
C CYS B 476 4.95 -2.08 14.16
N THR B 477 5.92 -2.52 14.95
CA THR B 477 6.50 -3.86 14.84
C THR B 477 6.07 -4.81 15.95
N LYS B 478 5.91 -4.31 17.18
CA LYS B 478 5.49 -5.16 18.31
C LYS B 478 3.95 -5.15 18.39
N CYS B 479 3.34 -5.81 17.41
CA CYS B 479 1.91 -5.78 17.22
C CYS B 479 1.54 -6.85 16.19
N ARG B 480 0.46 -7.58 16.45
CA ARG B 480 0.04 -8.62 15.52
C ARG B 480 -0.72 -8.07 14.33
N VAL B 481 -1.21 -6.84 14.42
CA VAL B 481 -1.84 -6.17 13.28
C VAL B 481 -1.10 -4.86 13.03
N PRO B 482 -0.33 -4.75 11.95
CA PRO B 482 0.42 -3.50 11.70
C PRO B 482 -0.52 -2.31 11.57
N SER B 483 -0.21 -1.26 12.32
CA SER B 483 -0.98 -0.03 12.29
C SER B 483 -0.05 1.12 12.66
N TYR B 484 -0.49 2.33 12.34
CA TYR B 484 0.37 3.50 12.47
C TYR B 484 0.15 4.18 13.81
N ASP B 485 1.25 4.52 14.48
CA ASP B 485 1.23 5.11 15.80
C ASP B 485 2.27 6.23 15.84
N PRO B 486 1.96 7.36 16.49
CA PRO B 486 2.90 8.48 16.51
C PRO B 486 4.28 8.06 16.96
N LEU B 487 5.30 8.73 16.41
CA LEU B 487 6.67 8.48 16.83
C LEU B 487 6.84 8.87 18.29
N LYS B 488 7.47 7.99 19.07
CA LYS B 488 7.86 8.26 20.44
C LYS B 488 9.36 8.42 20.49
N MET B 489 9.81 9.58 20.99
CA MET B 489 11.24 9.90 20.95
C MET B 489 12.06 8.85 21.71
N ASP B 490 11.54 8.37 22.84
CA ASP B 490 12.28 7.41 23.67
C ASP B 490 12.41 6.06 23.00
N GLU B 491 11.42 5.66 22.19
CA GLU B 491 11.37 4.33 21.61
C GLU B 491 12.56 4.09 20.69
N VAL B 492 12.70 2.84 20.25
CA VAL B 492 13.77 2.41 19.35
C VAL B 492 13.15 1.68 18.17
N TYR B 493 13.54 2.07 16.95
CA TYR B 493 12.95 1.55 15.72
C TYR B 493 14.03 0.98 14.82
N LYS B 494 13.66 -0.04 14.04
CA LYS B 494 14.52 -0.59 12.99
C LYS B 494 14.12 0.04 11.66
N VAL B 495 15.13 0.45 10.89
CA VAL B 495 14.92 1.13 9.62
C VAL B 495 15.81 0.51 8.56
N ILE B 496 15.30 0.42 7.34
CA ILE B 496 16.09 0.07 6.17
C ILE B 496 16.39 1.36 5.42
N LEU B 497 17.67 1.63 5.19
CA LEU B 497 18.10 2.83 4.50
C LEU B 497 19.31 2.50 3.64
N PRO B 498 19.61 3.35 2.64
CA PRO B 498 20.81 3.12 1.84
C PRO B 498 22.07 3.15 2.69
N ASN B 499 23.08 2.41 2.23
CA ASN B 499 24.39 2.52 2.86
C ASN B 499 24.89 3.96 2.87
N PHE B 500 24.51 4.74 1.86
CA PHE B 500 24.94 6.14 1.78
C PHE B 500 24.44 6.94 2.97
N LEU B 501 23.27 6.61 3.51
CA LEU B 501 22.68 7.38 4.61
C LEU B 501 23.18 6.92 5.97
N ALA B 502 23.40 5.61 6.15
CA ALA B 502 23.96 5.12 7.41
C ALA B 502 25.33 5.72 7.67
N ASN B 503 26.03 6.14 6.62
CA ASN B 503 27.38 6.67 6.72
C ASN B 503 27.42 8.19 6.83
N GLY B 504 26.27 8.85 6.94
CA GLY B 504 26.23 10.29 7.10
C GLY B 504 26.17 11.09 5.83
N GLY B 505 25.86 10.46 4.69
CA GLY B 505 25.82 11.18 3.44
C GLY B 505 24.70 12.20 3.39
N ASP B 506 24.82 13.12 2.44
CA ASP B 506 23.84 14.17 2.21
C ASP B 506 23.55 14.99 3.48
N GLY B 507 24.48 15.00 4.43
CA GLY B 507 24.30 15.77 5.64
C GLY B 507 23.48 15.12 6.74
N PHE B 508 23.26 13.81 6.69
CA PHE B 508 22.52 13.10 7.73
C PHE B 508 23.48 12.59 8.82
N GLN B 509 24.22 13.54 9.40
CA GLN B 509 25.19 13.22 10.45
C GLN B 509 24.54 12.47 11.62
N MET B 510 23.33 12.90 12.02
CA MET B 510 22.70 12.31 13.19
C MET B 510 22.58 10.79 13.10
N ILE B 511 22.36 10.27 11.89
CA ILE B 511 22.24 8.82 11.73
C ILE B 511 23.57 8.14 11.99
N LYS B 512 24.63 8.60 11.33
CA LYS B 512 25.95 8.01 11.50
C LYS B 512 26.39 8.06 12.96
N ASP B 513 26.14 9.19 13.63
CA ASP B 513 26.52 9.31 15.03
C ASP B 513 25.66 8.42 15.90
N GLU B 514 24.34 8.58 15.81
CA GLU B 514 23.42 8.11 16.83
C GLU B 514 22.84 6.74 16.55
N LEU B 515 23.25 6.08 15.47
CA LEU B 515 22.69 4.77 15.20
C LEU B 515 23.22 3.76 16.22
N LEU B 516 22.33 2.89 16.68
CA LEU B 516 22.65 1.90 17.69
C LEU B 516 23.07 0.56 17.09
N ARG B 517 23.09 0.46 15.76
CA ARG B 517 23.42 -0.78 15.06
C ARG B 517 23.43 -0.49 13.57
N HIS B 518 24.35 -1.11 12.83
CA HIS B 518 24.40 -0.95 11.39
C HIS B 518 24.92 -2.26 10.79
N ASP B 519 24.03 -2.98 10.11
CA ASP B 519 24.35 -4.24 9.46
C ASP B 519 24.20 -4.08 7.96
N SER B 520 25.21 -4.51 7.22
CA SER B 520 25.21 -4.34 5.77
C SER B 520 24.25 -5.33 5.10
N GLY B 521 23.74 -4.94 3.94
CA GLY B 521 22.70 -5.70 3.26
C GLY B 521 22.99 -5.97 1.80
N ASP B 522 21.95 -6.30 1.04
CA ASP B 522 22.11 -6.70 -0.34
C ASP B 522 22.28 -5.49 -1.26
N GLN B 523 22.66 -5.75 -2.51
CA GLN B 523 22.85 -4.70 -3.49
C GLN B 523 21.54 -3.93 -3.70
N ASP B 524 21.66 -2.62 -3.86
CA ASP B 524 20.46 -1.80 -4.08
C ASP B 524 19.78 -2.19 -5.38
N ILE B 525 20.54 -2.63 -6.38
CA ILE B 525 19.96 -2.94 -7.67
C ILE B 525 19.36 -4.34 -7.69
N ASN B 526 19.93 -5.29 -6.95
CA ASN B 526 19.39 -6.64 -6.94
C ASN B 526 18.13 -6.74 -6.08
N VAL B 527 18.07 -5.99 -4.97
CA VAL B 527 16.86 -5.96 -4.17
C VAL B 527 15.67 -5.50 -5.01
N VAL B 528 15.87 -4.50 -5.86
CA VAL B 528 14.76 -3.98 -6.64
C VAL B 528 14.49 -4.83 -7.87
N SER B 529 15.49 -5.55 -8.37
CA SER B 529 15.25 -6.50 -9.45
C SER B 529 14.44 -7.69 -8.95
N THR B 530 14.74 -8.17 -7.74
CA THR B 530 14.05 -9.32 -7.19
C THR B 530 12.58 -9.01 -6.91
N TYR B 531 12.30 -7.86 -6.32
CA TYR B 531 10.93 -7.51 -5.96
C TYR B 531 10.07 -7.19 -7.18
N ILE B 532 10.68 -6.81 -8.30
CA ILE B 532 9.88 -6.56 -9.50
C ILE B 532 9.49 -7.87 -10.17
N SER B 533 10.34 -8.91 -10.05
CA SER B 533 9.97 -10.21 -10.59
C SER B 533 8.94 -10.92 -9.71
N LYS B 534 9.09 -10.83 -8.38
CA LYS B 534 8.13 -11.42 -7.46
C LYS B 534 6.71 -10.91 -7.72
N MET B 535 6.56 -9.64 -8.10
CA MET B 535 5.25 -9.05 -8.29
C MET B 535 4.75 -9.17 -9.72
N LYS B 536 5.65 -9.31 -10.70
CA LYS B 536 5.30 -9.56 -12.10
C LYS B 536 4.72 -8.33 -12.78
N VAL B 537 3.92 -7.53 -12.07
CA VAL B 537 3.31 -6.32 -12.63
C VAL B 537 3.13 -5.32 -11.50
N ILE B 538 3.61 -4.10 -11.70
CA ILE B 538 3.64 -3.10 -10.64
C ILE B 538 2.87 -1.87 -11.08
N TYR B 539 2.33 -1.15 -10.09
CA TYR B 539 1.55 0.05 -10.31
C TYR B 539 1.63 0.93 -9.06
N PRO B 540 2.84 1.24 -8.59
CA PRO B 540 2.97 2.04 -7.37
C PRO B 540 2.36 3.43 -7.52
N ALA B 541 1.71 3.87 -6.46
CA ALA B 541 0.94 5.11 -6.47
C ALA B 541 1.52 6.08 -5.44
N VAL B 542 1.03 7.31 -5.51
CA VAL B 542 1.24 8.29 -4.45
C VAL B 542 0.03 8.22 -3.52
N GLU B 543 0.25 7.84 -2.26
CA GLU B 543 -0.82 7.48 -1.36
C GLU B 543 -0.79 8.28 -0.07
N GLY B 544 -0.09 9.41 -0.06
CA GLY B 544 -0.08 10.28 1.11
C GLY B 544 0.96 9.96 2.15
N ARG B 545 1.99 9.18 1.81
CA ARG B 545 3.08 8.95 2.77
C ARG B 545 3.74 10.25 3.19
N ILE B 546 3.74 11.26 2.31
CA ILE B 546 4.29 12.57 2.61
C ILE B 546 3.23 13.62 2.27
N LYS B 547 3.04 14.58 3.18
CA LYS B 547 2.01 15.59 3.02
C LYS B 547 2.54 16.93 3.50
N PHE B 548 1.92 18.01 3.03
CA PHE B 548 2.32 19.36 3.37
C PHE B 548 1.13 20.15 3.90
N SER B 549 1.26 20.65 5.12
CA SER B 549 0.24 21.49 5.74
C SER B 549 -0.10 22.67 4.84
#